data_4TME
#
_entry.id   4TME
#
_cell.length_a   87.960
_cell.length_b   87.960
_cell.length_c   251.910
_cell.angle_alpha   90.000
_cell.angle_beta   90.000
_cell.angle_gamma   90.000
#
_symmetry.space_group_name_H-M   'P 43 21 2'
#
loop_
_entity.id
_entity.type
_entity.pdbx_description
1 polymer 'Ethanolamine utilization protein EutL'
2 non-polymer 'SODIUM ION'
3 non-polymer ETHANOLAMINE
4 water water
#
_entity_poly.entity_id   1
_entity_poly.type   'polypeptide(L)'
_entity_poly.pdbx_seq_one_letter_code
;MKNDLIRPNVLSVKIISNVSPEMAKKLELEPHHKSLGLITADCDDVTYTALDEATKAAEVDVVYARSMYAGAGNASTKLA
GEVIGILAGPSPAEVRSGLNATLDFIDSGVGFVSANEDDSICYYAQCVSRTGSYLSKTAGIREGEALAYLVAPPLEAMYA
LDAALKAADVEMCEFFAPPTETNFAGALLTGSQSACKAACDAFAEAVQSVASNPLGFLEHHHHHH
;
_entity_poly.pdbx_strand_id   A,B,C
#
# COMPACT_ATOMS: atom_id res chain seq x y z
N MET A 1 2.97 17.79 -22.47
CA MET A 1 2.84 19.22 -22.06
C MET A 1 1.43 19.49 -21.58
N LYS A 2 1.24 20.68 -21.02
CA LYS A 2 -0.03 21.03 -20.41
C LYS A 2 -1.19 20.85 -21.41
N ASN A 3 -2.27 20.26 -20.93
CA ASN A 3 -3.49 19.92 -21.68
C ASN A 3 -3.35 18.73 -22.64
N ASP A 4 -2.18 18.10 -22.69
CA ASP A 4 -2.07 16.82 -23.40
C ASP A 4 -2.88 15.74 -22.70
N LEU A 5 -3.56 14.92 -23.49
CA LEU A 5 -4.16 13.69 -22.99
C LEU A 5 -3.09 12.64 -22.74
N ILE A 6 -3.16 12.00 -21.58
CA ILE A 6 -2.28 10.88 -21.30
C ILE A 6 -3.03 9.62 -21.74
N ARG A 7 -2.50 8.95 -22.77
CA ARG A 7 -3.21 7.82 -23.35
C ARG A 7 -3.24 6.66 -22.34
N PRO A 8 -4.43 6.13 -22.02
CA PRO A 8 -4.53 4.93 -21.18
C PRO A 8 -4.27 3.67 -22.04
N ASN A 9 -3.62 2.66 -21.44
CA ASN A 9 -3.28 1.44 -22.16
C ASN A 9 -3.79 0.19 -21.45
N VAL A 10 -4.37 -0.72 -22.23
CA VAL A 10 -4.79 -2.04 -21.72
C VAL A 10 -3.64 -3.00 -21.88
N LEU A 11 -3.38 -3.77 -20.80
CA LEU A 11 -2.19 -4.63 -20.75
C LEU A 11 -2.53 -6.11 -20.95
N SER A 12 -3.68 -6.53 -20.45
N SER A 12 -3.69 -6.54 -20.46
CA SER A 12 -4.11 -7.93 -20.63
CA SER A 12 -4.11 -7.92 -20.64
C SER A 12 -5.61 -8.07 -20.50
C SER A 12 -5.62 -8.06 -20.52
N VAL A 13 -6.15 -9.08 -21.20
CA VAL A 13 -7.56 -9.40 -21.18
C VAL A 13 -7.69 -10.92 -21.25
N LYS A 14 -8.51 -11.51 -20.38
CA LYS A 14 -8.77 -12.96 -20.44
C LYS A 14 -10.20 -13.23 -20.04
N ILE A 15 -10.76 -14.34 -20.48
CA ILE A 15 -12.06 -14.74 -19.93
C ILE A 15 -11.94 -16.08 -19.23
N ILE A 16 -12.78 -16.25 -18.22
CA ILE A 16 -12.99 -17.52 -17.53
C ILE A 16 -14.42 -17.95 -17.83
N SER A 17 -14.58 -19.16 -18.38
CA SER A 17 -15.89 -19.75 -18.61
C SER A 17 -16.14 -20.79 -17.51
N ASN A 18 -17.38 -20.87 -17.04
CA ASN A 18 -17.75 -21.88 -16.05
C ASN A 18 -16.84 -21.80 -14.84
N VAL A 19 -16.85 -20.62 -14.24
CA VAL A 19 -15.97 -20.31 -13.14
C VAL A 19 -16.12 -21.36 -12.04
N SER A 20 -14.99 -21.75 -11.46
N SER A 20 -15.00 -21.78 -11.48
CA SER A 20 -14.96 -22.74 -10.40
CA SER A 20 -15.01 -22.81 -10.46
C SER A 20 -15.84 -22.27 -9.25
C SER A 20 -15.77 -22.32 -9.24
N PRO A 21 -16.55 -23.20 -8.60
CA PRO A 21 -17.37 -22.83 -7.44
C PRO A 21 -16.53 -22.23 -6.30
N GLU A 22 -15.31 -22.71 -6.16
CA GLU A 22 -14.44 -22.22 -5.09
C GLU A 22 -14.09 -20.74 -5.32
N MET A 23 -13.82 -20.40 -6.57
N MET A 23 -13.81 -20.40 -6.57
CA MET A 23 -13.51 -19.02 -6.88
CA MET A 23 -13.53 -19.01 -6.92
C MET A 23 -14.77 -18.15 -6.83
C MET A 23 -14.77 -18.17 -6.81
N ALA A 24 -15.90 -18.71 -7.26
CA ALA A 24 -17.16 -17.96 -7.20
C ALA A 24 -17.45 -17.52 -5.76
N LYS A 25 -17.20 -18.44 -4.84
CA LYS A 25 -17.44 -18.14 -3.42
C LYS A 25 -16.52 -17.04 -2.94
N LYS A 26 -15.23 -17.11 -3.27
CA LYS A 26 -14.30 -16.11 -2.78
C LYS A 26 -14.55 -14.73 -3.39
N LEU A 27 -15.09 -14.69 -4.61
CA LEU A 27 -15.43 -13.43 -5.26
C LEU A 27 -16.86 -12.97 -4.92
N GLU A 28 -17.56 -13.75 -4.13
CA GLU A 28 -18.96 -13.46 -3.75
C GLU A 28 -19.86 -13.23 -4.97
N LEU A 29 -19.72 -14.10 -5.96
CA LEU A 29 -20.56 -14.04 -7.15
C LEU A 29 -22.00 -14.47 -6.87
N GLU A 30 -22.89 -13.95 -7.72
CA GLU A 30 -24.29 -14.37 -7.76
C GLU A 30 -24.45 -15.63 -8.60
N PRO A 31 -25.57 -16.35 -8.41
CA PRO A 31 -25.77 -17.61 -9.11
C PRO A 31 -25.71 -17.50 -10.64
N HIS A 32 -26.11 -16.35 -11.20
CA HIS A 32 -26.14 -16.20 -12.65
C HIS A 32 -24.78 -15.79 -13.21
N HIS A 33 -23.79 -15.60 -12.34
CA HIS A 33 -22.44 -15.23 -12.74
C HIS A 33 -21.63 -16.49 -13.10
N LYS A 34 -21.74 -16.94 -14.34
CA LYS A 34 -21.09 -18.17 -14.78
C LYS A 34 -19.73 -17.93 -15.45
N SER A 35 -19.55 -16.74 -15.99
N SER A 35 -19.55 -16.73 -15.98
CA SER A 35 -18.37 -16.38 -16.76
CA SER A 35 -18.40 -16.37 -16.78
C SER A 35 -17.81 -15.07 -16.28
C SER A 35 -17.81 -15.07 -16.27
N LEU A 36 -16.49 -14.94 -16.37
CA LEU A 36 -15.79 -13.74 -15.90
C LEU A 36 -14.97 -13.16 -17.04
N GLY A 37 -14.92 -11.83 -17.12
CA GLY A 37 -14.03 -11.13 -18.01
C GLY A 37 -13.02 -10.33 -17.21
N LEU A 38 -11.74 -10.62 -17.42
CA LEU A 38 -10.65 -10.02 -16.65
C LEU A 38 -9.90 -8.99 -17.49
N ILE A 39 -9.55 -7.86 -16.89
CA ILE A 39 -8.77 -6.85 -17.61
C ILE A 39 -7.81 -6.13 -16.68
N THR A 40 -6.58 -5.87 -17.16
CA THR A 40 -5.66 -4.96 -16.47
C THR A 40 -5.24 -3.85 -17.41
N ALA A 41 -4.90 -2.71 -16.82
CA ALA A 41 -4.58 -1.51 -17.60
C ALA A 41 -3.66 -0.63 -16.78
N ASP A 42 -3.08 0.39 -17.41
CA ASP A 42 -2.16 1.27 -16.70
C ASP A 42 -2.80 2.56 -16.19
N CYS A 43 -4.14 2.64 -16.24
CA CYS A 43 -4.85 3.79 -15.71
C CYS A 43 -6.11 3.31 -15.00
N ASP A 44 -6.16 3.46 -13.68
CA ASP A 44 -7.27 2.84 -12.96
C ASP A 44 -8.60 3.60 -13.15
N ASP A 45 -8.65 4.92 -13.03
CA ASP A 45 -9.96 5.59 -13.03
C ASP A 45 -10.62 5.57 -14.39
N VAL A 46 -9.83 5.61 -15.47
CA VAL A 46 -10.39 5.44 -16.82
C VAL A 46 -11.01 4.04 -16.93
N THR A 47 -10.31 3.04 -16.39
CA THR A 47 -10.82 1.68 -16.44
C THR A 47 -12.10 1.55 -15.62
N TYR A 48 -12.17 2.19 -14.45
CA TYR A 48 -13.38 2.10 -13.61
C TYR A 48 -14.56 2.71 -14.37
N THR A 49 -14.31 3.82 -15.06
CA THR A 49 -15.36 4.47 -15.84
C THR A 49 -15.81 3.59 -17.00
N ALA A 50 -14.84 2.95 -17.65
CA ALA A 50 -15.09 2.03 -18.75
C ALA A 50 -15.87 0.80 -18.30
N LEU A 51 -15.54 0.26 -17.14
CA LEU A 51 -16.26 -0.90 -16.59
C LEU A 51 -17.72 -0.55 -16.32
N ASP A 52 -17.94 0.66 -15.80
CA ASP A 52 -19.32 1.13 -15.59
C ASP A 52 -20.05 1.24 -16.92
N GLU A 53 -19.36 1.75 -17.94
CA GLU A 53 -19.94 1.88 -19.27
C GLU A 53 -20.34 0.51 -19.81
N ALA A 54 -19.50 -0.49 -19.53
CA ALA A 54 -19.77 -1.85 -19.99
C ALA A 54 -21.09 -2.40 -19.43
N THR A 55 -21.47 -2.00 -18.21
CA THR A 55 -22.74 -2.48 -17.64
C THR A 55 -23.97 -1.92 -18.36
N LYS A 56 -23.78 -0.83 -19.12
CA LYS A 56 -24.83 -0.31 -19.99
C LYS A 56 -24.82 -0.96 -21.38
N ALA A 57 -23.71 -1.57 -21.75
CA ALA A 57 -23.51 -2.13 -23.10
C ALA A 57 -23.79 -3.64 -23.18
N ALA A 58 -23.76 -4.31 -22.04
CA ALA A 58 -23.94 -5.75 -21.99
C ALA A 58 -24.52 -6.20 -20.69
N GLU A 59 -24.92 -7.46 -20.64
CA GLU A 59 -25.54 -8.03 -19.46
C GLU A 59 -24.46 -8.52 -18.50
N VAL A 60 -23.73 -7.56 -17.91
CA VAL A 60 -22.62 -7.85 -17.03
C VAL A 60 -22.68 -6.97 -15.80
N ASP A 61 -22.11 -7.46 -14.71
CA ASP A 61 -21.93 -6.72 -13.48
C ASP A 61 -20.44 -6.56 -13.22
N VAL A 62 -20.04 -5.44 -12.66
CA VAL A 62 -18.66 -5.28 -12.18
C VAL A 62 -18.57 -5.94 -10.81
N VAL A 63 -17.87 -7.09 -10.70
CA VAL A 63 -17.84 -7.83 -9.43
C VAL A 63 -16.55 -7.63 -8.66
N TYR A 64 -15.54 -7.05 -9.30
CA TYR A 64 -14.23 -6.84 -8.65
C TYR A 64 -13.51 -5.73 -9.38
N ALA A 65 -12.94 -4.79 -8.65
CA ALA A 65 -12.20 -3.69 -9.29
C ALA A 65 -11.34 -3.02 -8.25
N ARG A 66 -10.03 -3.18 -8.42
N ARG A 66 -10.03 -3.17 -8.42
CA ARG A 66 -9.06 -2.70 -7.44
CA ARG A 66 -9.07 -2.66 -7.44
C ARG A 66 -7.83 -2.07 -8.11
C ARG A 66 -7.80 -2.10 -8.08
N SER A 67 -7.24 -1.10 -7.42
CA SER A 67 -6.03 -0.43 -7.88
C SER A 67 -4.76 -0.98 -7.23
N MET A 68 -3.64 -0.85 -7.93
CA MET A 68 -2.36 -1.37 -7.43
C MET A 68 -1.60 -0.33 -6.61
N TYR A 69 -0.91 -0.78 -5.55
CA TYR A 69 -0.14 0.14 -4.70
C TYR A 69 0.98 0.83 -5.47
N ALA A 70 1.00 2.15 -5.33
CA ALA A 70 1.97 3.07 -5.94
C ALA A 70 1.92 3.21 -7.46
N GLY A 71 0.87 2.70 -8.10
CA GLY A 71 0.57 3.07 -9.48
C GLY A 71 1.40 2.36 -10.56
N ALA A 72 1.04 2.61 -11.81
CA ALA A 72 1.55 1.81 -12.91
C ALA A 72 3.05 1.98 -13.14
N GLY A 73 3.55 3.17 -12.88
CA GLY A 73 4.98 3.44 -13.04
C GLY A 73 5.86 2.67 -12.07
N ASN A 74 5.28 2.20 -10.97
CA ASN A 74 5.97 1.36 -9.99
C ASN A 74 5.60 -0.12 -10.09
N ALA A 75 4.92 -0.51 -11.17
CA ALA A 75 4.59 -1.91 -11.33
C ALA A 75 5.86 -2.73 -11.40
N SER A 76 5.88 -3.88 -10.72
N SER A 76 5.83 -3.89 -10.74
CA SER A 76 7.06 -4.73 -10.77
CA SER A 76 6.97 -4.79 -10.67
C SER A 76 6.97 -5.85 -11.80
C SER A 76 6.96 -5.83 -11.78
N THR A 77 5.78 -6.03 -12.39
CA THR A 77 5.60 -7.03 -13.44
C THR A 77 4.86 -6.38 -14.61
N LYS A 78 4.93 -7.04 -15.76
CA LYS A 78 4.53 -6.44 -17.03
C LYS A 78 3.03 -6.20 -17.18
N LEU A 79 2.20 -7.07 -16.61
CA LEU A 79 0.74 -7.00 -16.82
C LEU A 79 -0.06 -6.48 -15.61
N ALA A 80 0.62 -6.15 -14.51
CA ALA A 80 -0.06 -5.68 -13.31
C ALA A 80 -0.67 -4.30 -13.52
N GLY A 81 0.05 -3.44 -14.24
CA GLY A 81 -0.44 -2.08 -14.44
C GLY A 81 -0.80 -1.43 -13.11
N GLU A 82 -1.95 -0.74 -13.06
CA GLU A 82 -2.42 -0.23 -11.79
C GLU A 82 -3.88 -0.52 -11.53
N VAL A 83 -4.46 -1.44 -12.29
CA VAL A 83 -5.84 -1.82 -12.03
C VAL A 83 -6.13 -3.23 -12.52
N ILE A 84 -6.95 -3.95 -11.75
CA ILE A 84 -7.58 -5.17 -12.23
C ILE A 84 -9.09 -4.99 -12.14
N GLY A 85 -9.77 -5.33 -13.23
CA GLY A 85 -11.22 -5.28 -13.27
C GLY A 85 -11.77 -6.65 -13.64
N ILE A 86 -12.87 -7.03 -13.01
CA ILE A 86 -13.55 -8.29 -13.35
C ILE A 86 -15.04 -8.03 -13.60
N LEU A 87 -15.47 -8.40 -14.81
CA LEU A 87 -16.88 -8.40 -15.21
C LEU A 87 -17.41 -9.81 -15.05
N ALA A 88 -18.67 -9.93 -14.64
CA ALA A 88 -19.29 -11.25 -14.56
C ALA A 88 -20.61 -11.23 -15.30
N GLY A 89 -20.92 -12.34 -15.96
CA GLY A 89 -22.19 -12.45 -16.66
C GLY A 89 -22.55 -13.90 -16.90
N PRO A 90 -23.65 -14.13 -17.59
CA PRO A 90 -24.22 -15.48 -17.70
C PRO A 90 -23.53 -16.37 -18.71
N SER A 91 -22.77 -15.79 -19.63
CA SER A 91 -22.17 -16.53 -20.72
C SER A 91 -20.90 -15.86 -21.17
N PRO A 92 -20.02 -16.64 -21.83
CA PRO A 92 -18.89 -15.99 -22.49
C PRO A 92 -19.31 -14.88 -23.45
N ALA A 93 -20.41 -15.06 -24.19
CA ALA A 93 -20.82 -14.04 -25.15
C ALA A 93 -21.03 -12.70 -24.44
N GLU A 94 -21.67 -12.72 -23.27
CA GLU A 94 -21.97 -11.45 -22.62
C GLU A 94 -20.72 -10.82 -22.00
N VAL A 95 -19.85 -11.66 -21.46
N VAL A 95 -19.81 -11.61 -21.44
CA VAL A 95 -18.60 -11.18 -20.93
CA VAL A 95 -18.61 -10.98 -20.89
C VAL A 95 -17.74 -10.54 -22.03
C VAL A 95 -17.65 -10.54 -22.01
N ARG A 96 -17.63 -11.20 -23.17
CA ARG A 96 -16.86 -10.66 -24.31
C ARG A 96 -17.45 -9.34 -24.79
N SER A 97 -18.77 -9.26 -24.82
CA SER A 97 -19.45 -8.00 -25.16
C SER A 97 -19.08 -6.90 -24.16
N GLY A 98 -19.13 -7.22 -22.88
CA GLY A 98 -18.75 -6.31 -21.81
C GLY A 98 -17.31 -5.84 -21.94
N LEU A 99 -16.40 -6.76 -22.21
CA LEU A 99 -14.99 -6.39 -22.41
C LEU A 99 -14.80 -5.54 -23.66
N ASN A 100 -15.52 -5.85 -24.73
CA ASN A 100 -15.43 -5.08 -25.94
C ASN A 100 -15.86 -3.65 -25.66
N ALA A 101 -16.94 -3.48 -24.90
CA ALA A 101 -17.41 -2.13 -24.55
C ALA A 101 -16.40 -1.39 -23.67
N THR A 102 -15.79 -2.12 -22.75
CA THR A 102 -14.76 -1.56 -21.87
C THR A 102 -13.58 -1.06 -22.70
N LEU A 103 -13.09 -1.92 -23.59
CA LEU A 103 -11.98 -1.54 -24.49
C LEU A 103 -12.31 -0.30 -25.33
N ASP A 104 -13.50 -0.29 -25.93
CA ASP A 104 -13.94 0.85 -26.72
C ASP A 104 -13.90 2.14 -25.92
N PHE A 105 -14.36 2.08 -24.68
CA PHE A 105 -14.41 3.30 -23.85
C PHE A 105 -13.01 3.77 -23.48
N ILE A 106 -12.15 2.82 -23.11
CA ILE A 106 -10.77 3.16 -22.78
C ILE A 106 -10.06 3.85 -23.95
N ASP A 107 -10.43 3.47 -25.18
CA ASP A 107 -9.85 4.03 -26.39
C ASP A 107 -10.62 5.24 -26.92
N SER A 108 -11.61 5.73 -26.18
CA SER A 108 -12.54 6.69 -26.77
C SER A 108 -12.06 8.15 -26.76
N GLY A 109 -10.94 8.44 -26.10
CA GLY A 109 -10.44 9.81 -25.98
C GLY A 109 -10.54 10.36 -24.56
N VAL A 110 -11.10 9.57 -23.64
CA VAL A 110 -11.11 9.91 -22.24
C VAL A 110 -9.72 9.68 -21.68
N GLY A 111 -9.40 10.32 -20.56
CA GLY A 111 -8.12 10.08 -19.93
C GLY A 111 -7.70 11.19 -19.00
N PHE A 112 -6.62 10.93 -18.27
CA PHE A 112 -6.00 11.97 -17.48
C PHE A 112 -5.39 13.04 -18.40
N VAL A 113 -5.40 14.27 -17.93
CA VAL A 113 -4.92 15.41 -18.66
C VAL A 113 -3.72 16.01 -17.92
N SER A 114 -2.66 16.34 -18.64
CA SER A 114 -1.49 16.94 -18.05
C SER A 114 -1.71 18.39 -17.64
N ALA A 115 -1.16 18.77 -16.50
CA ALA A 115 -1.25 20.15 -16.01
C ALA A 115 0.07 20.90 -16.10
N ASN A 116 1.11 20.28 -16.65
CA ASN A 116 2.40 20.98 -16.76
C ASN A 116 3.33 20.39 -17.83
N GLU A 117 4.52 20.96 -17.93
CA GLU A 117 5.39 20.74 -19.09
C GLU A 117 5.84 19.28 -19.24
N ASP A 118 6.16 18.64 -18.12
CA ASP A 118 6.67 17.27 -18.18
C ASP A 118 5.63 16.24 -17.76
N ASP A 119 4.38 16.66 -17.71
CA ASP A 119 3.26 15.76 -17.43
C ASP A 119 3.44 15.11 -16.05
N SER A 120 4.04 15.85 -15.11
CA SER A 120 4.30 15.29 -13.79
C SER A 120 3.17 15.60 -12.80
N ILE A 121 2.23 16.42 -13.24
CA ILE A 121 0.96 16.62 -12.54
C ILE A 121 -0.14 16.37 -13.58
N CYS A 122 -1.09 15.52 -13.25
N CYS A 122 -1.10 15.53 -13.22
CA CYS A 122 -2.20 15.25 -14.15
CA CYS A 122 -2.18 15.12 -14.12
C CYS A 122 -3.47 15.13 -13.33
C CYS A 122 -3.47 14.92 -13.35
N TYR A 123 -4.61 15.13 -14.02
CA TYR A 123 -5.90 15.04 -13.35
C TYR A 123 -6.93 14.44 -14.29
N TYR A 124 -7.99 13.94 -13.66
CA TYR A 124 -9.15 13.37 -14.36
C TYR A 124 -10.36 14.17 -13.98
N ALA A 125 -11.11 14.66 -14.96
CA ALA A 125 -12.31 15.45 -14.69
C ALA A 125 -13.35 15.06 -15.73
N GLN A 126 -14.01 13.94 -15.46
CA GLN A 126 -14.89 13.26 -16.42
C GLN A 126 -16.34 13.36 -15.99
N CYS A 127 -17.20 13.87 -16.84
CA CYS A 127 -18.63 13.89 -16.57
C CYS A 127 -19.22 12.58 -17.08
N VAL A 128 -19.82 11.82 -16.18
CA VAL A 128 -20.54 10.61 -16.53
C VAL A 128 -22.01 11.02 -16.61
N SER A 129 -22.53 11.17 -17.81
CA SER A 129 -23.89 11.72 -17.98
C SER A 129 -24.97 10.76 -17.45
N ARG A 130 -24.72 9.45 -17.56
CA ARG A 130 -25.65 8.44 -17.07
C ARG A 130 -24.90 7.25 -16.51
N THR A 131 -24.90 7.10 -15.18
CA THR A 131 -24.20 6.00 -14.58
C THR A 131 -24.85 4.68 -14.95
N GLY A 132 -23.99 3.68 -15.08
CA GLY A 132 -24.37 2.30 -15.09
C GLY A 132 -24.52 1.77 -13.66
N SER A 133 -24.35 0.46 -13.52
CA SER A 133 -24.65 -0.18 -12.24
C SER A 133 -23.46 -0.21 -11.28
N TYR A 134 -22.28 0.18 -11.75
CA TYR A 134 -21.09 0.07 -10.93
C TYR A 134 -20.81 1.40 -10.21
N LEU A 135 -20.69 2.51 -10.95
CA LEU A 135 -20.35 3.78 -10.30
C LEU A 135 -21.54 4.34 -9.54
N SER A 136 -22.76 3.97 -9.93
CA SER A 136 -23.91 4.35 -9.09
C SER A 136 -23.81 3.69 -7.71
N LYS A 137 -23.35 2.44 -7.63
CA LYS A 137 -23.19 1.78 -6.35
C LYS A 137 -22.06 2.35 -5.54
N THR A 138 -20.93 2.61 -6.18
CA THR A 138 -19.77 3.20 -5.49
CA THR A 138 -19.77 3.15 -5.44
C THR A 138 -20.12 4.53 -4.87
N ALA A 139 -20.91 5.32 -5.61
CA ALA A 139 -21.28 6.66 -5.18
C ALA A 139 -22.43 6.62 -4.19
N GLY A 140 -23.16 5.51 -4.13
CA GLY A 140 -24.35 5.44 -3.30
C GLY A 140 -25.52 6.28 -3.80
N ILE A 141 -25.64 6.39 -5.12
CA ILE A 141 -26.72 7.15 -5.73
C ILE A 141 -27.59 6.23 -6.57
N ARG A 142 -28.72 6.76 -7.00
CA ARG A 142 -29.62 6.00 -7.87
C ARG A 142 -28.99 5.76 -9.24
N GLU A 143 -29.15 4.53 -9.75
CA GLU A 143 -28.65 4.15 -11.05
C GLU A 143 -29.17 5.11 -12.12
N GLY A 144 -28.32 5.57 -13.02
CA GLY A 144 -28.76 6.42 -14.13
C GLY A 144 -28.52 7.90 -13.84
N GLU A 145 -28.25 8.24 -12.59
CA GLU A 145 -27.94 9.62 -12.22
C GLU A 145 -26.56 9.99 -12.77
N ALA A 146 -26.29 11.29 -12.93
CA ALA A 146 -25.01 11.78 -13.45
C ALA A 146 -23.98 11.93 -12.34
N LEU A 147 -22.71 11.85 -12.72
CA LEU A 147 -21.58 12.08 -11.81
C LEU A 147 -20.53 12.98 -12.42
N ALA A 148 -19.80 13.69 -11.56
CA ALA A 148 -18.49 14.22 -11.91
C ALA A 148 -17.46 13.33 -11.23
N TYR A 149 -16.55 12.75 -12.01
CA TYR A 149 -15.51 11.85 -11.53
C TYR A 149 -14.20 12.64 -11.56
N LEU A 150 -13.74 13.01 -10.37
CA LEU A 150 -12.66 13.97 -10.21
C LEU A 150 -11.49 13.35 -9.47
N VAL A 151 -10.32 13.33 -10.10
CA VAL A 151 -9.12 12.72 -9.50
C VAL A 151 -7.90 13.59 -9.78
N ALA A 152 -7.07 13.77 -8.75
CA ALA A 152 -5.79 14.45 -8.91
C ALA A 152 -4.88 13.99 -7.77
N PRO A 153 -3.61 14.42 -7.78
CA PRO A 153 -2.75 14.07 -6.64
C PRO A 153 -3.27 14.73 -5.37
N PRO A 154 -2.81 14.28 -4.18
CA PRO A 154 -3.47 14.59 -2.90
C PRO A 154 -3.78 16.07 -2.65
N LEU A 155 -2.80 16.95 -2.66
CA LEU A 155 -3.10 18.34 -2.32
C LEU A 155 -3.93 19.00 -3.42
N GLU A 156 -3.53 18.80 -4.67
CA GLU A 156 -4.28 19.37 -5.81
C GLU A 156 -5.75 18.96 -5.73
N ALA A 157 -5.99 17.69 -5.41
CA ALA A 157 -7.36 17.18 -5.34
C ALA A 157 -8.14 17.86 -4.24
N MET A 158 -7.55 18.04 -3.06
CA MET A 158 -8.28 18.70 -1.97
C MET A 158 -8.62 20.14 -2.33
N TYR A 159 -7.65 20.86 -2.88
CA TYR A 159 -7.83 22.25 -3.27
C TYR A 159 -8.88 22.38 -4.37
N ALA A 160 -8.77 21.50 -5.36
CA ALA A 160 -9.66 21.56 -6.52
C ALA A 160 -11.05 21.02 -6.22
N LEU A 161 -11.19 20.07 -5.29
CA LEU A 161 -12.53 19.65 -4.86
C LEU A 161 -13.30 20.81 -4.24
N ASP A 162 -12.63 21.64 -3.44
N ASP A 162 -12.60 21.61 -3.43
CA ASP A 162 -13.36 22.73 -2.83
CA ASP A 162 -13.19 22.81 -2.85
C ASP A 162 -13.76 23.75 -3.91
C ASP A 162 -13.76 23.68 -3.94
N ALA A 163 -12.92 23.95 -4.94
CA ALA A 163 -13.33 24.79 -6.06
C ALA A 163 -14.54 24.20 -6.81
N ALA A 164 -14.50 22.88 -7.06
CA ALA A 164 -15.59 22.19 -7.75
C ALA A 164 -16.91 22.30 -6.98
N LEU A 165 -16.85 22.10 -5.67
CA LEU A 165 -18.07 22.15 -4.86
C LEU A 165 -18.66 23.56 -4.81
N LYS A 166 -17.81 24.57 -4.93
CA LYS A 166 -18.29 25.93 -4.93
C LYS A 166 -18.83 26.36 -6.28
N ALA A 167 -18.44 25.67 -7.34
CA ALA A 167 -18.78 26.11 -8.71
C ALA A 167 -20.18 25.71 -9.18
N ALA A 168 -20.78 24.69 -8.57
CA ALA A 168 -22.12 24.28 -8.99
C ALA A 168 -22.84 23.55 -7.89
N ASP A 169 -24.14 23.33 -8.09
CA ASP A 169 -24.98 22.67 -7.10
C ASP A 169 -24.77 21.17 -7.18
N VAL A 170 -23.68 20.70 -6.55
CA VAL A 170 -23.34 19.28 -6.54
C VAL A 170 -23.13 18.80 -5.10
N GLU A 171 -23.31 17.50 -4.88
CA GLU A 171 -23.10 16.87 -3.57
C GLU A 171 -21.92 15.93 -3.67
N MET A 172 -21.12 15.79 -2.61
CA MET A 172 -20.02 14.82 -2.62
C MET A 172 -20.53 13.46 -2.15
N CYS A 173 -20.57 12.50 -3.08
CA CYS A 173 -21.10 11.19 -2.81
C CYS A 173 -20.08 10.23 -2.27
N GLU A 174 -18.91 10.23 -2.88
CA GLU A 174 -17.84 9.34 -2.44
C GLU A 174 -16.55 10.13 -2.44
N PHE A 175 -15.87 10.14 -1.30
CA PHE A 175 -14.60 10.86 -1.16
C PHE A 175 -13.45 9.86 -1.30
N PHE A 176 -12.54 10.09 -2.24
CA PHE A 176 -11.36 9.23 -2.42
C PHE A 176 -10.26 9.84 -1.55
N ALA A 177 -10.19 9.39 -0.30
CA ALA A 177 -9.36 10.03 0.70
C ALA A 177 -7.89 9.75 0.42
N PRO A 178 -7.06 10.80 0.44
CA PRO A 178 -5.65 10.57 0.08
C PRO A 178 -4.89 9.82 1.18
N PRO A 179 -4.08 8.83 0.80
CA PRO A 179 -3.85 8.22 -0.52
C PRO A 179 -4.83 7.12 -0.81
N THR A 180 -5.30 7.05 -2.05
CA THR A 180 -5.79 5.79 -2.57
C THR A 180 -4.55 4.95 -2.91
N GLU A 181 -4.74 3.72 -3.41
CA GLU A 181 -3.59 2.84 -3.58
C GLU A 181 -2.52 3.44 -4.50
N THR A 182 -2.95 4.19 -5.51
CA THR A 182 -2.02 4.82 -6.44
C THR A 182 -1.51 6.20 -5.99
N ASN A 183 -1.85 6.59 -4.77
CA ASN A 183 -1.43 7.89 -4.17
C ASN A 183 -2.07 9.08 -4.89
N PHE A 184 -3.31 8.87 -5.30
CA PHE A 184 -4.18 9.96 -5.75
C PHE A 184 -5.32 10.19 -4.78
N ALA A 185 -6.21 11.11 -5.13
CA ALA A 185 -7.35 11.46 -4.30
C ALA A 185 -8.40 12.10 -5.19
N GLY A 186 -9.56 12.39 -4.63
CA GLY A 186 -10.61 13.01 -5.44
C GLY A 186 -11.99 12.65 -4.91
N ALA A 187 -13.00 12.69 -5.78
CA ALA A 187 -14.35 12.35 -5.36
C ALA A 187 -15.22 12.07 -6.55
N LEU A 188 -16.33 11.40 -6.26
CA LEU A 188 -17.49 11.38 -7.13
C LEU A 188 -18.49 12.38 -6.60
N LEU A 189 -18.92 13.31 -7.45
CA LEU A 189 -19.92 14.31 -7.09
C LEU A 189 -21.16 14.05 -7.97
N THR A 190 -22.34 14.38 -7.47
CA THR A 190 -23.55 14.21 -8.26
C THR A 190 -24.40 15.47 -8.26
N GLY A 191 -25.24 15.57 -9.28
CA GLY A 191 -26.16 16.70 -9.49
C GLY A 191 -26.70 16.55 -10.89
N SER A 192 -27.26 17.64 -11.45
CA SER A 192 -27.66 17.60 -12.85
C SER A 192 -26.43 17.39 -13.73
N GLN A 193 -26.65 16.97 -14.97
CA GLN A 193 -25.54 16.81 -15.91
C GLN A 193 -24.76 18.13 -16.08
N SER A 194 -25.47 19.24 -16.23
CA SER A 194 -24.78 20.52 -16.42
C SER A 194 -24.01 20.94 -15.15
N ALA A 195 -24.54 20.63 -13.96
CA ALA A 195 -23.82 20.95 -12.73
C ALA A 195 -22.56 20.11 -12.62
N CYS A 196 -22.65 18.85 -13.01
CA CYS A 196 -21.48 17.97 -12.95
C CYS A 196 -20.41 18.47 -13.93
N LYS A 197 -20.83 18.94 -15.10
CA LYS A 197 -19.86 19.47 -16.05
C LYS A 197 -19.20 20.75 -15.53
N ALA A 198 -19.97 21.60 -14.87
CA ALA A 198 -19.43 22.84 -14.29
C ALA A 198 -18.41 22.49 -13.20
N ALA A 199 -18.68 21.42 -12.47
CA ALA A 199 -17.78 20.97 -11.41
C ALA A 199 -16.50 20.46 -12.04
N CYS A 200 -16.61 19.68 -13.12
CA CYS A 200 -15.43 19.19 -13.84
C CYS A 200 -14.55 20.34 -14.33
N ASP A 201 -15.17 21.33 -14.96
CA ASP A 201 -14.40 22.49 -15.45
C ASP A 201 -13.68 23.20 -14.31
N ALA A 202 -14.35 23.39 -13.17
CA ALA A 202 -13.74 24.12 -12.06
C ALA A 202 -12.61 23.32 -11.45
N PHE A 203 -12.82 22.00 -11.37
CA PHE A 203 -11.80 21.09 -10.82
C PHE A 203 -10.52 21.19 -11.68
N ALA A 204 -10.70 21.11 -12.99
CA ALA A 204 -9.56 21.16 -13.90
C ALA A 204 -8.79 22.48 -13.75
N GLU A 205 -9.51 23.60 -13.74
CA GLU A 205 -8.88 24.91 -13.61
C GLU A 205 -8.11 25.01 -12.29
N ALA A 206 -8.65 24.45 -11.22
CA ALA A 206 -8.01 24.55 -9.90
C ALA A 206 -6.73 23.71 -9.84
N VAL A 207 -6.74 22.52 -10.43
CA VAL A 207 -5.53 21.69 -10.44
C VAL A 207 -4.44 22.44 -11.22
N GLN A 208 -4.81 23.02 -12.36
CA GLN A 208 -3.83 23.78 -13.16
C GLN A 208 -3.25 24.92 -12.36
N SER A 209 -4.09 25.58 -11.56
N SER A 209 -4.08 25.57 -11.54
CA SER A 209 -3.64 26.71 -10.74
CA SER A 209 -3.61 26.74 -10.77
C SER A 209 -2.58 26.29 -9.72
C SER A 209 -2.61 26.32 -9.68
N VAL A 210 -2.83 25.15 -9.07
CA VAL A 210 -1.85 24.65 -8.10
C VAL A 210 -0.55 24.26 -8.81
N ALA A 211 -0.67 23.61 -9.97
CA ALA A 211 0.51 23.19 -10.74
C ALA A 211 1.39 24.40 -11.08
N SER A 212 0.76 25.52 -11.40
N SER A 212 0.75 25.51 -11.41
CA SER A 212 1.48 26.73 -11.81
CA SER A 212 1.46 26.73 -11.80
C SER A 212 1.95 27.59 -10.65
C SER A 212 2.14 27.42 -10.61
N ASN A 213 1.61 27.20 -9.43
CA ASN A 213 2.01 27.95 -8.23
C ASN A 213 1.91 27.05 -7.00
N PRO A 214 2.76 26.03 -6.94
CA PRO A 214 2.52 25.06 -5.86
C PRO A 214 2.83 25.54 -4.44
N LEU A 215 3.67 26.55 -4.27
CA LEU A 215 4.06 26.96 -2.93
C LEU A 215 3.41 28.28 -2.48
N GLY A 216 2.54 28.86 -3.31
CA GLY A 216 1.97 30.18 -3.01
C GLY A 216 0.73 30.11 -2.13
N PHE A 217 0.84 30.63 -0.91
CA PHE A 217 -0.29 30.63 0.03
C PHE A 217 -0.40 31.92 0.86
N MET B 1 26.65 10.20 3.90
CA MET B 1 27.47 9.29 4.74
C MET B 1 26.87 9.21 6.12
N LYS B 2 27.39 8.30 6.94
CA LYS B 2 26.84 8.05 8.25
C LYS B 2 26.81 9.33 9.08
N ASN B 3 25.66 9.54 9.73
CA ASN B 3 25.36 10.67 10.63
C ASN B 3 24.97 11.95 9.90
N ASP B 4 24.93 11.92 8.56
CA ASP B 4 24.41 13.05 7.79
C ASP B 4 22.91 13.20 8.01
N LEU B 5 22.47 14.45 8.14
CA LEU B 5 21.04 14.75 8.09
C LEU B 5 20.55 14.59 6.66
N ILE B 6 19.41 13.92 6.49
CA ILE B 6 18.70 13.90 5.22
C ILE B 6 17.70 15.06 5.24
N ARG B 7 17.95 16.08 4.43
CA ARG B 7 17.16 17.30 4.51
C ARG B 7 15.75 17.06 3.99
N PRO B 8 14.74 17.40 4.79
CA PRO B 8 13.35 17.26 4.31
C PRO B 8 12.98 18.45 3.43
N ASN B 9 12.05 18.25 2.50
CA ASN B 9 11.61 19.31 1.59
C ASN B 9 10.12 19.44 1.51
N VAL B 10 9.63 20.67 1.58
CA VAL B 10 8.22 20.95 1.36
C VAL B 10 7.96 21.09 -0.13
N LEU B 11 6.89 20.48 -0.63
CA LEU B 11 6.60 20.48 -2.07
C LEU B 11 5.48 21.41 -2.47
N SER B 12 4.48 21.53 -1.61
N SER B 12 4.47 21.54 -1.63
CA SER B 12 3.29 22.35 -1.92
CA SER B 12 3.35 22.41 -1.93
C SER B 12 2.60 22.82 -0.64
C SER B 12 2.61 22.82 -0.66
N VAL B 13 2.06 24.02 -0.69
CA VAL B 13 1.31 24.58 0.44
C VAL B 13 0.19 25.43 -0.11
N LYS B 14 -1.04 25.23 0.36
CA LYS B 14 -2.18 26.03 -0.08
C LYS B 14 -3.16 26.27 1.07
N ILE B 15 -3.92 27.35 0.97
CA ILE B 15 -4.98 27.62 1.93
C ILE B 15 -6.33 27.58 1.23
N ILE B 16 -7.30 26.92 1.88
CA ILE B 16 -8.71 27.05 1.52
C ILE B 16 -9.35 28.01 2.51
N SER B 17 -9.86 29.15 2.05
CA SER B 17 -10.28 30.20 2.97
C SER B 17 -11.61 29.97 3.68
N ASN B 18 -12.59 29.42 2.97
CA ASN B 18 -13.93 29.18 3.53
C ASN B 18 -14.41 27.80 3.07
N VAL B 19 -14.08 26.76 3.81
CA VAL B 19 -14.28 25.39 3.34
C VAL B 19 -15.76 25.13 3.06
N SER B 20 -16.04 24.41 1.98
CA SER B 20 -17.41 24.11 1.62
C SER B 20 -17.99 23.13 2.63
N PRO B 21 -19.31 23.19 2.88
CA PRO B 21 -19.92 22.23 3.81
C PRO B 21 -19.83 20.77 3.39
N GLU B 22 -19.89 20.50 2.09
CA GLU B 22 -19.71 19.13 1.59
C GLU B 22 -18.33 18.56 1.95
N MET B 23 -17.29 19.37 1.81
N MET B 23 -17.29 19.36 1.77
CA MET B 23 -15.97 18.92 2.18
CA MET B 23 -15.93 18.99 2.19
C MET B 23 -15.82 18.80 3.71
C MET B 23 -15.88 18.76 3.69
N ALA B 24 -16.44 19.72 4.44
CA ALA B 24 -16.40 19.67 5.89
C ALA B 24 -16.99 18.34 6.39
N LYS B 25 -18.09 17.89 5.79
CA LYS B 25 -18.69 16.62 6.19
C LYS B 25 -17.78 15.42 5.97
N LYS B 26 -17.13 15.34 4.81
CA LYS B 26 -16.34 14.17 4.49
C LYS B 26 -15.07 14.16 5.31
N LEU B 27 -14.59 15.34 5.72
CA LEU B 27 -13.38 15.43 6.54
C LEU B 27 -13.72 15.39 8.03
N GLU B 28 -15.00 15.25 8.34
CA GLU B 28 -15.52 15.24 9.72
C GLU B 28 -15.02 16.44 10.54
N LEU B 29 -15.07 17.61 9.90
CA LEU B 29 -14.72 18.85 10.57
C LEU B 29 -15.78 19.29 11.58
N GLU B 30 -15.34 20.08 12.56
CA GLU B 30 -16.26 20.68 13.50
C GLU B 30 -16.69 22.04 12.97
N PRO B 31 -17.76 22.61 13.55
CA PRO B 31 -18.31 23.86 12.98
C PRO B 31 -17.36 25.06 12.97
N HIS B 32 -16.42 25.11 13.90
CA HIS B 32 -15.53 26.26 14.01
C HIS B 32 -14.33 26.15 13.06
N HIS B 33 -14.18 25.00 12.41
CA HIS B 33 -13.12 24.80 11.40
C HIS B 33 -13.52 25.46 10.06
N LYS B 34 -13.20 26.74 9.89
CA LYS B 34 -13.62 27.49 8.70
C LYS B 34 -12.64 27.50 7.54
N SER B 35 -11.35 27.43 7.87
N SER B 35 -11.35 27.44 7.86
CA SER B 35 -10.27 27.56 6.89
CA SER B 35 -10.29 27.53 6.88
C SER B 35 -9.35 26.36 7.02
C SER B 35 -9.35 26.34 7.02
N LEU B 36 -8.78 25.91 5.90
CA LEU B 36 -7.87 24.77 5.88
C LEU B 36 -6.53 25.15 5.32
N GLY B 37 -5.46 24.59 5.88
CA GLY B 37 -4.13 24.76 5.34
C GLY B 37 -3.63 23.40 4.91
N LEU B 38 -3.21 23.31 3.66
CA LEU B 38 -2.81 22.06 3.03
C LEU B 38 -1.31 22.04 2.82
N ILE B 39 -0.65 20.93 3.10
CA ILE B 39 0.80 20.82 2.88
C ILE B 39 1.17 19.42 2.45
N THR B 40 2.09 19.34 1.51
CA THR B 40 2.78 18.10 1.19
C THR B 40 4.29 18.29 1.26
N ALA B 41 4.97 17.19 1.51
CA ALA B 41 6.42 17.21 1.68
C ALA B 41 6.98 15.83 1.37
N ASP B 42 8.31 15.72 1.29
CA ASP B 42 8.94 14.46 0.96
C ASP B 42 9.41 13.65 2.20
N CYS B 43 9.00 14.09 3.40
CA CYS B 43 9.32 13.37 4.64
C CYS B 43 8.10 13.38 5.57
N ASP B 44 7.48 12.24 5.76
CA ASP B 44 6.22 12.24 6.52
C ASP B 44 6.43 12.47 8.01
N ASP B 45 7.37 11.80 8.66
CA ASP B 45 7.41 11.96 10.13
C ASP B 45 7.92 13.33 10.58
N VAL B 46 8.82 13.94 9.82
CA VAL B 46 9.20 15.32 10.09
C VAL B 46 7.97 16.22 9.97
N THR B 47 7.16 15.99 8.95
CA THR B 47 5.98 16.81 8.74
C THR B 47 4.95 16.62 9.86
N TYR B 48 4.73 15.39 10.30
CA TYR B 48 3.82 15.14 11.44
C TYR B 48 4.29 15.88 12.69
N THR B 49 5.60 15.84 12.97
CA THR B 49 6.15 16.57 14.11
C THR B 49 5.93 18.07 13.97
N ALA B 50 6.10 18.56 12.74
CA ALA B 50 5.95 19.98 12.43
C ALA B 50 4.50 20.43 12.58
N LEU B 51 3.57 19.59 12.13
CA LEU B 51 2.14 19.91 12.26
C LEU B 51 1.75 19.99 13.74
N ASP B 52 2.29 19.09 14.54
CA ASP B 52 2.07 19.16 15.97
C ASP B 52 2.64 20.45 16.57
N GLU B 53 3.83 20.83 16.12
CA GLU B 53 4.42 22.09 16.56
C GLU B 53 3.49 23.28 16.18
N ALA B 54 2.89 23.21 15.01
CA ALA B 54 1.97 24.29 14.58
C ALA B 54 0.82 24.49 15.56
N THR B 55 0.32 23.40 16.15
CA THR B 55 -0.80 23.53 17.08
C THR B 55 -0.40 24.23 18.39
N LYS B 56 0.90 24.25 18.70
CA LYS B 56 1.38 25.00 19.86
C LYS B 56 1.48 26.50 19.56
N ALA B 57 1.70 26.83 18.30
CA ALA B 57 1.99 28.21 17.89
C ALA B 57 0.75 29.00 17.46
N ALA B 58 -0.29 28.30 17.09
CA ALA B 58 -1.48 28.93 16.51
C ALA B 58 -2.74 28.16 16.88
N GLU B 59 -3.91 28.78 16.73
CA GLU B 59 -5.16 28.08 17.01
C GLU B 59 -5.55 27.27 15.78
N VAL B 60 -4.84 26.18 15.60
CA VAL B 60 -5.12 25.25 14.51
C VAL B 60 -5.16 23.83 15.09
N ASP B 61 -5.96 22.98 14.45
CA ASP B 61 -6.01 21.56 14.74
C ASP B 61 -5.48 20.78 13.53
N VAL B 62 -4.79 19.66 13.77
CA VAL B 62 -4.44 18.74 12.69
C VAL B 62 -5.65 17.85 12.43
N VAL B 63 -6.31 18.05 11.30
CA VAL B 63 -7.54 17.32 11.02
C VAL B 63 -7.34 16.20 10.01
N TYR B 64 -6.18 16.17 9.36
CA TYR B 64 -5.89 15.11 8.36
C TYR B 64 -4.41 14.98 8.22
N ALA B 65 -3.90 13.75 8.21
CA ALA B 65 -2.46 13.56 8.13
C ALA B 65 -2.20 12.12 7.71
N ARG B 66 -1.74 11.92 6.47
CA ARG B 66 -1.53 10.58 5.94
C ARG B 66 -0.30 10.49 5.09
N SER B 67 0.31 9.28 5.10
CA SER B 67 1.50 8.98 4.31
C SER B 67 1.18 8.27 3.00
N MET B 68 2.07 8.41 2.02
CA MET B 68 1.88 7.85 0.68
C MET B 68 2.54 6.48 0.53
N TYR B 69 1.87 5.59 -0.20
CA TYR B 69 2.39 4.22 -0.37
C TYR B 69 3.74 4.22 -1.07
N ALA B 70 4.70 3.55 -0.43
CA ALA B 70 6.07 3.34 -0.93
C ALA B 70 7.00 4.56 -0.93
N GLY B 71 6.57 5.66 -0.31
CA GLY B 71 7.46 6.76 0.02
C GLY B 71 7.78 7.70 -1.13
N ALA B 72 8.48 8.78 -0.80
CA ALA B 72 8.62 9.89 -1.73
C ALA B 72 9.44 9.57 -2.99
N GLY B 73 10.42 8.68 -2.87
CA GLY B 73 11.22 8.26 -4.02
C GLY B 73 10.44 7.49 -5.07
N ASN B 74 9.27 6.98 -4.69
CA ASN B 74 8.37 6.31 -5.62
C ASN B 74 7.15 7.14 -5.99
N ALA B 75 7.16 8.43 -5.63
CA ALA B 75 6.06 9.29 -6.02
C ALA B 75 5.94 9.31 -7.53
N SER B 76 4.72 9.29 -8.04
N SER B 76 4.69 9.29 -7.99
CA SER B 76 4.51 9.29 -9.49
CA SER B 76 4.36 9.24 -9.40
C SER B 76 4.12 10.67 -10.00
C SER B 76 4.16 10.65 -9.97
N THR B 77 3.90 11.61 -9.07
CA THR B 77 3.64 12.99 -9.46
C THR B 77 4.48 13.94 -8.63
N LYS B 78 4.57 15.17 -9.10
CA LYS B 78 5.51 16.15 -8.60
C LYS B 78 5.29 16.60 -7.15
N LEU B 79 4.03 16.72 -6.74
CA LEU B 79 3.68 17.33 -5.46
C LEU B 79 3.19 16.32 -4.42
N ALA B 80 3.11 15.03 -4.79
CA ALA B 80 2.57 14.05 -3.85
C ALA B 80 3.52 13.76 -2.67
N GLY B 81 4.82 13.77 -2.95
CA GLY B 81 5.81 13.50 -1.91
C GLY B 81 5.45 12.22 -1.20
N GLU B 82 5.51 12.22 0.14
CA GLU B 82 5.05 11.06 0.90
C GLU B 82 4.14 11.42 2.06
N VAL B 83 3.60 12.64 2.06
CA VAL B 83 2.70 13.04 3.13
C VAL B 83 1.77 14.17 2.70
N ILE B 84 0.52 14.10 3.15
CA ILE B 84 -0.39 15.23 3.08
C ILE B 84 -0.85 15.55 4.52
N GLY B 85 -0.76 16.82 4.89
CA GLY B 85 -1.31 17.28 6.16
C GLY B 85 -2.30 18.40 5.93
N ILE B 86 -3.31 18.44 6.80
CA ILE B 86 -4.31 19.49 6.75
C ILE B 86 -4.50 20.06 8.15
N LEU B 87 -4.24 21.35 8.26
CA LEU B 87 -4.58 22.14 9.44
C LEU B 87 -5.93 22.80 9.26
N ALA B 88 -6.71 22.86 10.32
CA ALA B 88 -7.96 23.61 10.27
C ALA B 88 -7.95 24.69 11.34
N GLY B 89 -8.46 25.88 11.00
CA GLY B 89 -8.51 26.96 11.95
C GLY B 89 -9.67 27.89 11.68
N PRO B 90 -9.78 28.95 12.49
CA PRO B 90 -10.92 29.87 12.44
C PRO B 90 -10.90 30.89 11.30
N SER B 91 -9.75 31.06 10.68
CA SER B 91 -9.55 32.08 9.66
C SER B 91 -8.36 31.74 8.80
N PRO B 92 -8.27 32.35 7.62
CA PRO B 92 -7.04 32.18 6.85
C PRO B 92 -5.80 32.74 7.57
N ALA B 93 -5.93 33.81 8.35
CA ALA B 93 -4.76 34.38 9.02
C ALA B 93 -4.17 33.39 10.03
N GLU B 94 -5.05 32.72 10.77
CA GLU B 94 -4.60 31.80 11.80
C GLU B 94 -4.02 30.55 11.14
N VAL B 95 -4.64 30.08 10.07
CA VAL B 95 -4.10 28.94 9.34
C VAL B 95 -2.72 29.28 8.77
N ARG B 96 -2.57 30.50 8.27
CA ARG B 96 -1.29 30.93 7.70
C ARG B 96 -0.22 30.93 8.78
N SER B 97 -0.58 31.38 9.98
N SER B 97 -0.59 31.39 9.97
CA SER B 97 0.36 31.36 11.10
CA SER B 97 0.32 31.38 11.12
C SER B 97 0.77 29.94 11.42
C SER B 97 0.75 29.95 11.44
N GLY B 98 -0.20 29.02 11.42
CA GLY B 98 0.08 27.62 11.66
C GLY B 98 0.99 27.04 10.57
N LEU B 99 0.68 27.32 9.31
CA LEU B 99 1.54 26.83 8.23
C LEU B 99 2.97 27.39 8.34
N ASN B 100 3.12 28.66 8.71
CA ASN B 100 4.45 29.24 8.84
C ASN B 100 5.24 28.51 9.92
N ALA B 101 4.59 28.21 11.04
CA ALA B 101 5.23 27.45 12.11
C ALA B 101 5.60 26.06 11.64
N THR B 102 4.74 25.45 10.84
CA THR B 102 5.04 24.12 10.25
C THR B 102 6.29 24.18 9.36
N LEU B 103 6.32 25.13 8.43
CA LEU B 103 7.47 25.29 7.54
C LEU B 103 8.76 25.59 8.30
N ASP B 104 8.67 26.46 9.29
CA ASP B 104 9.85 26.78 10.09
C ASP B 104 10.40 25.52 10.75
N PHE B 105 9.51 24.69 11.28
CA PHE B 105 9.96 23.48 11.97
C PHE B 105 10.59 22.50 11.00
N ILE B 106 9.96 22.29 9.85
CA ILE B 106 10.52 21.40 8.84
C ILE B 106 11.95 21.80 8.45
N ASP B 107 12.22 23.10 8.42
CA ASP B 107 13.54 23.61 8.03
C ASP B 107 14.48 23.86 9.21
N SER B 108 14.14 23.36 10.40
CA SER B 108 14.84 23.75 11.62
C SER B 108 16.11 22.93 11.90
N GLY B 109 16.32 21.88 11.12
CA GLY B 109 17.47 21.00 11.32
C GLY B 109 17.10 19.62 11.81
N VAL B 110 15.82 19.39 12.06
CA VAL B 110 15.33 18.03 12.35
C VAL B 110 15.29 17.18 11.09
N GLY B 111 15.29 15.87 11.26
CA GLY B 111 15.15 15.01 10.10
C GLY B 111 15.70 13.63 10.33
N PHE B 112 15.48 12.76 9.35
CA PHE B 112 16.10 11.45 9.36
C PHE B 112 17.60 11.58 9.22
N VAL B 113 18.30 10.60 9.79
CA VAL B 113 19.76 10.60 9.84
C VAL B 113 20.26 9.33 9.19
N SER B 114 21.33 9.43 8.42
CA SER B 114 21.87 8.28 7.72
C SER B 114 22.63 7.37 8.68
N ALA B 115 22.48 6.05 8.49
CA ALA B 115 23.19 5.06 9.31
C ALA B 115 24.34 4.39 8.56
N ASN B 116 24.58 4.81 7.30
CA ASN B 116 25.65 4.15 6.53
C ASN B 116 26.16 5.02 5.37
N GLU B 117 27.15 4.50 4.63
CA GLU B 117 27.94 5.33 3.73
C GLU B 117 27.15 5.91 2.56
N ASP B 118 26.16 5.19 2.06
CA ASP B 118 25.38 5.67 0.90
C ASP B 118 23.96 6.10 1.29
N ASP B 119 23.73 6.27 2.60
CA ASP B 119 22.46 6.79 3.10
C ASP B 119 21.28 5.91 2.69
N SER B 120 21.54 4.61 2.61
CA SER B 120 20.51 3.65 2.22
C SER B 120 19.80 3.05 3.42
N ILE B 121 20.27 3.37 4.62
CA ILE B 121 19.54 3.08 5.85
C ILE B 121 19.48 4.39 6.63
N CYS B 122 18.30 4.76 7.10
N CYS B 122 18.28 4.79 7.05
CA CYS B 122 18.15 6.00 7.85
CA CYS B 122 18.08 6.05 7.77
C CYS B 122 17.10 5.83 8.93
C CYS B 122 17.01 5.91 8.84
N TYR B 123 17.12 6.73 9.89
CA TYR B 123 16.19 6.66 11.01
C TYR B 123 15.87 8.06 11.53
N TYR B 124 14.79 8.13 12.28
CA TYR B 124 14.33 9.34 12.97
C TYR B 124 14.27 9.03 14.45
N ALA B 125 14.92 9.88 15.25
CA ALA B 125 14.93 9.72 16.69
C ALA B 125 14.82 11.08 17.31
N GLN B 126 13.58 11.55 17.38
CA GLN B 126 13.28 12.93 17.73
C GLN B 126 12.62 12.99 19.09
N CYS B 127 13.19 13.79 19.98
CA CYS B 127 12.60 14.03 21.28
C CYS B 127 11.67 15.24 21.14
N VAL B 128 10.38 15.00 21.30
CA VAL B 128 9.38 16.06 21.36
C VAL B 128 9.23 16.42 22.83
N SER B 129 9.84 17.51 23.25
N SER B 129 9.87 17.51 23.23
CA SER B 129 9.87 17.83 24.68
CA SER B 129 9.89 17.90 24.63
C SER B 129 8.50 18.18 25.23
C SER B 129 8.49 18.12 25.18
N ARG B 130 7.67 18.83 24.42
CA ARG B 130 6.33 19.24 24.86
C ARG B 130 5.36 19.04 23.70
N THR B 131 4.56 17.98 23.74
CA THR B 131 3.65 17.74 22.63
C THR B 131 2.60 18.85 22.51
N GLY B 132 2.20 19.10 21.27
CA GLY B 132 1.02 19.88 20.93
C GLY B 132 -0.24 19.03 20.99
N SER B 133 -1.28 19.46 20.28
CA SER B 133 -2.57 18.82 20.44
C SER B 133 -2.75 17.62 19.52
N TYR B 134 -1.80 17.38 18.61
CA TYR B 134 -1.93 16.32 17.60
C TYR B 134 -1.26 15.05 18.09
N LEU B 135 0.03 15.15 18.42
CA LEU B 135 0.77 13.95 18.83
C LEU B 135 0.39 13.49 20.23
N SER B 136 -0.06 14.41 21.09
CA SER B 136 -0.56 13.99 22.41
C SER B 136 -1.79 13.12 22.20
N LYS B 137 -2.69 13.49 21.29
CA LYS B 137 -3.88 12.67 21.05
C LYS B 137 -3.53 11.33 20.42
N THR B 138 -2.61 11.35 19.46
CA THR B 138 -2.17 10.15 18.77
C THR B 138 -1.58 9.17 19.76
N ALA B 139 -0.81 9.70 20.70
CA ALA B 139 -0.11 8.86 21.68
C ALA B 139 -0.98 8.48 22.88
N GLY B 140 -2.10 9.17 23.06
CA GLY B 140 -2.90 9.00 24.25
C GLY B 140 -2.30 9.49 25.55
N ILE B 141 -1.68 10.67 25.52
CA ILE B 141 -1.07 11.29 26.69
C ILE B 141 -1.62 12.72 26.83
N ARG B 142 -1.41 13.31 27.99
CA ARG B 142 -1.75 14.70 28.21
C ARG B 142 -1.02 15.58 27.26
N GLU B 143 -1.71 16.60 26.77
CA GLU B 143 -1.06 17.64 26.01
C GLU B 143 0.11 18.21 26.81
N GLY B 144 1.26 18.36 26.16
CA GLY B 144 2.40 18.96 26.80
C GLY B 144 3.38 17.95 27.37
N GLU B 145 3.00 16.68 27.38
CA GLU B 145 3.95 15.66 27.84
C GLU B 145 4.92 15.32 26.72
N ALA B 146 6.03 14.66 27.07
CA ALA B 146 7.11 14.42 26.10
C ALA B 146 6.96 13.12 25.34
N LEU B 147 7.53 13.06 24.15
CA LEU B 147 7.60 11.81 23.37
C LEU B 147 8.99 11.59 22.80
N ALA B 148 9.38 10.32 22.70
CA ALA B 148 10.38 9.89 21.73
C ALA B 148 9.65 9.40 20.49
N TYR B 149 9.94 10.03 19.36
CA TYR B 149 9.33 9.70 18.07
C TYR B 149 10.42 8.94 17.29
N LEU B 150 10.21 7.63 17.19
CA LEU B 150 11.24 6.70 16.73
C LEU B 150 10.77 6.00 15.47
N VAL B 151 11.51 6.17 14.38
CA VAL B 151 11.14 5.55 13.11
C VAL B 151 12.37 5.00 12.41
N ALA B 152 12.25 3.79 11.88
CA ALA B 152 13.33 3.18 11.08
C ALA B 152 12.73 2.14 10.13
N PRO B 153 13.54 1.58 9.21
CA PRO B 153 12.92 0.52 8.42
C PRO B 153 12.53 -0.68 9.29
N PRO B 154 11.74 -1.62 8.76
CA PRO B 154 11.05 -2.61 9.60
C PRO B 154 11.89 -3.38 10.61
N LEU B 155 12.94 -4.08 10.20
CA LEU B 155 13.67 -4.90 11.15
C LEU B 155 14.45 -4.02 12.09
N GLU B 156 15.12 -3.02 11.54
CA GLU B 156 15.89 -2.07 12.36
C GLU B 156 14.98 -1.49 13.46
N ALA B 157 13.78 -1.10 13.07
CA ALA B 157 12.87 -0.48 14.02
C ALA B 157 12.49 -1.43 15.16
N MET B 158 12.22 -2.68 14.84
CA MET B 158 11.81 -3.63 15.87
C MET B 158 12.98 -3.87 16.84
N TYR B 159 14.16 -4.12 16.27
CA TYR B 159 15.38 -4.35 17.07
C TYR B 159 15.71 -3.12 17.95
N ALA B 160 15.62 -1.94 17.35
CA ALA B 160 16.03 -0.71 18.02
C ALA B 160 14.97 -0.24 19.04
N LEU B 161 13.70 -0.55 18.81
N LEU B 161 13.71 -0.58 18.79
CA LEU B 161 12.69 -0.25 19.82
CA LEU B 161 12.66 -0.29 19.75
C LEU B 161 12.92 -1.06 21.09
C LEU B 161 12.86 -1.07 21.05
N ASP B 162 13.27 -2.33 20.93
CA ASP B 162 13.55 -3.14 22.10
C ASP B 162 14.72 -2.53 22.86
N ALA B 163 15.74 -2.13 22.11
CA ALA B 163 16.89 -1.49 22.76
C ALA B 163 16.46 -0.20 23.49
N ALA B 164 15.65 0.62 22.83
CA ALA B 164 15.23 1.89 23.43
C ALA B 164 14.44 1.65 24.72
N LEU B 165 13.53 0.67 24.69
CA LEU B 165 12.70 0.37 25.86
C LEU B 165 13.53 -0.15 27.03
N LYS B 166 14.59 -0.90 26.75
N LYS B 166 14.59 -0.89 26.73
CA LYS B 166 15.42 -1.41 27.83
CA LYS B 166 15.45 -1.44 27.79
C LYS B 166 16.33 -0.33 28.39
C LYS B 166 16.44 -0.41 28.33
N ALA B 167 16.72 0.62 27.54
CA ALA B 167 17.76 1.60 27.90
C ALA B 167 17.20 2.77 28.67
N ALA B 168 15.92 3.03 28.48
CA ALA B 168 15.34 4.28 28.92
C ALA B 168 14.05 4.08 29.70
N ASP B 169 13.77 5.01 30.61
CA ASP B 169 12.64 4.93 31.50
C ASP B 169 11.39 5.48 30.81
N VAL B 170 10.95 4.76 29.77
CA VAL B 170 9.84 5.19 28.93
C VAL B 170 8.75 4.11 28.83
N GLU B 171 7.59 4.54 28.37
CA GLU B 171 6.43 3.66 28.14
C GLU B 171 6.01 3.69 26.69
N MET B 172 5.51 2.55 26.22
CA MET B 172 4.97 2.45 24.87
C MET B 172 3.62 3.14 24.74
N CYS B 173 3.47 3.99 23.73
CA CYS B 173 2.17 4.63 23.48
C CYS B 173 1.52 4.14 22.20
N GLU B 174 2.17 4.40 21.08
CA GLU B 174 1.64 4.04 19.78
C GLU B 174 2.70 3.26 19.01
N PHE B 175 2.31 2.10 18.50
CA PHE B 175 3.20 1.23 17.76
C PHE B 175 2.89 1.40 16.27
N PHE B 176 3.91 1.76 15.49
CA PHE B 176 3.77 1.84 14.04
C PHE B 176 4.19 0.49 13.46
N ALA B 177 3.22 -0.38 13.23
CA ALA B 177 3.52 -1.78 12.87
C ALA B 177 4.02 -1.85 11.43
N PRO B 178 5.09 -2.59 11.17
CA PRO B 178 5.64 -2.65 9.81
C PRO B 178 4.77 -3.50 8.88
N PRO B 179 4.48 -3.01 7.68
CA PRO B 179 4.79 -1.71 7.10
C PRO B 179 3.74 -0.67 7.41
N THR B 180 4.19 0.55 7.66
CA THR B 180 3.31 1.71 7.43
C THR B 180 3.31 1.98 5.91
N GLU B 181 2.58 3.00 5.44
CA GLU B 181 2.48 3.20 3.99
C GLU B 181 3.84 3.34 3.29
N THR B 182 4.80 4.01 3.94
CA THR B 182 6.13 4.22 3.37
C THR B 182 7.12 3.07 3.63
N ASN B 183 6.63 1.99 4.20
CA ASN B 183 7.42 0.79 4.51
C ASN B 183 8.47 1.08 5.58
N PHE B 184 8.06 1.89 6.55
CA PHE B 184 8.83 2.07 7.77
C PHE B 184 8.06 1.52 8.97
N ALA B 185 8.60 1.71 10.16
CA ALA B 185 7.99 1.24 11.40
C ALA B 185 8.60 2.00 12.56
N GLY B 186 8.09 1.76 13.76
CA GLY B 186 8.63 2.46 14.91
C GLY B 186 7.59 2.64 16.00
N ALA B 187 7.74 3.68 16.81
CA ALA B 187 6.78 3.93 17.90
C ALA B 187 6.86 5.34 18.41
N LEU B 188 5.80 5.75 19.10
CA LEU B 188 5.85 6.87 20.02
C LEU B 188 5.95 6.33 21.44
N LEU B 189 7.01 6.72 22.14
CA LEU B 189 7.23 6.35 23.54
C LEU B 189 7.14 7.62 24.40
N THR B 190 6.68 7.50 25.63
CA THR B 190 6.58 8.67 26.51
C THR B 190 7.32 8.48 27.82
N GLY B 191 7.65 9.60 28.43
CA GLY B 191 8.37 9.63 29.69
C GLY B 191 8.82 11.05 29.97
N SER B 192 9.76 11.22 30.91
CA SER B 192 10.39 12.53 31.13
C SER B 192 11.11 12.93 29.84
N GLN B 193 11.44 14.21 29.69
CA GLN B 193 12.23 14.63 28.54
C GLN B 193 13.57 13.89 28.56
N SER B 194 14.13 13.71 29.75
N SER B 194 14.12 13.67 29.74
CA SER B 194 15.39 13.02 29.89
CA SER B 194 15.43 13.02 29.87
C SER B 194 15.31 11.60 29.33
C SER B 194 15.38 11.55 29.48
N ALA B 195 14.26 10.88 29.74
CA ALA B 195 14.08 9.48 29.34
C ALA B 195 13.79 9.37 27.86
N CYS B 196 13.01 10.31 27.31
CA CYS B 196 12.72 10.30 25.89
C CYS B 196 14.01 10.50 25.09
N LYS B 197 14.86 11.40 25.58
CA LYS B 197 16.16 11.64 24.98
C LYS B 197 17.03 10.39 25.03
N ALA B 198 17.03 9.70 26.17
CA ALA B 198 17.82 8.47 26.30
C ALA B 198 17.30 7.39 25.34
N ALA B 199 15.99 7.33 25.18
CA ALA B 199 15.39 6.38 24.24
C ALA B 199 15.83 6.70 22.82
N CYS B 200 15.84 7.98 22.47
CA CYS B 200 16.28 8.40 21.14
C CYS B 200 17.73 7.97 20.90
N ASP B 201 18.60 8.19 21.88
CA ASP B 201 20.02 7.88 21.71
C ASP B 201 20.21 6.36 21.54
N ALA B 202 19.47 5.59 22.32
CA ALA B 202 19.57 4.12 22.25
C ALA B 202 19.00 3.57 20.94
N PHE B 203 17.91 4.16 20.49
CA PHE B 203 17.30 3.78 19.21
C PHE B 203 18.29 4.02 18.08
N ALA B 204 18.87 5.22 18.04
CA ALA B 204 19.83 5.58 17.01
C ALA B 204 21.01 4.61 17.01
N GLU B 205 21.56 4.34 18.20
CA GLU B 205 22.70 3.44 18.33
C GLU B 205 22.37 2.04 17.80
N ALA B 206 21.17 1.56 18.14
CA ALA B 206 20.77 0.22 17.72
C ALA B 206 20.57 0.14 16.21
N VAL B 207 19.99 1.18 15.59
CA VAL B 207 19.82 1.14 14.14
C VAL B 207 21.20 1.11 13.46
N GLN B 208 22.12 1.93 13.94
CA GLN B 208 23.48 1.93 13.40
C GLN B 208 24.13 0.56 13.55
N SER B 209 23.90 -0.10 14.68
N SER B 209 23.88 -0.12 14.66
CA SER B 209 24.44 -1.43 14.91
CA SER B 209 24.48 -1.42 14.88
C SER B 209 23.94 -2.44 13.87
C SER B 209 23.94 -2.47 13.89
N VAL B 210 22.64 -2.41 13.55
CA VAL B 210 22.09 -3.32 12.55
C VAL B 210 22.71 -2.99 11.17
N ALA B 211 22.79 -1.70 10.83
CA ALA B 211 23.37 -1.32 9.54
C ALA B 211 24.81 -1.85 9.38
N SER B 212 25.57 -1.87 10.47
N SER B 212 25.57 -1.86 10.46
CA SER B 212 26.97 -2.31 10.44
CA SER B 212 26.96 -2.30 10.44
C SER B 212 27.13 -3.83 10.55
C SER B 212 27.11 -3.83 10.44
N ASN B 213 26.03 -4.54 10.81
CA ASN B 213 26.07 -5.99 10.98
C ASN B 213 24.69 -6.60 10.68
N PRO B 214 24.26 -6.52 9.43
CA PRO B 214 22.82 -6.80 9.23
C PRO B 214 22.44 -8.26 9.34
N LEU B 215 23.40 -9.18 9.15
CA LEU B 215 23.07 -10.60 9.13
C LEU B 215 23.51 -11.32 10.40
N GLY B 216 24.12 -10.59 11.34
CA GLY B 216 24.75 -11.24 12.48
C GLY B 216 23.80 -11.55 13.62
N PHE B 217 23.64 -12.82 13.98
CA PHE B 217 22.73 -13.17 15.09
C PHE B 217 23.22 -14.31 15.97
N LEU B 218 24.45 -14.79 15.76
CA LEU B 218 24.87 -16.02 16.41
C LEU B 218 25.56 -15.78 17.75
N GLU B 219 25.78 -14.52 18.11
CA GLU B 219 26.45 -14.20 19.37
C GLU B 219 25.62 -14.66 20.59
N HIS B 220 26.30 -14.91 21.70
CA HIS B 220 25.62 -15.32 22.92
C HIS B 220 24.58 -14.31 23.38
N HIS B 221 23.40 -14.85 23.70
CA HIS B 221 22.32 -14.07 24.32
C HIS B 221 21.97 -14.66 25.68
N MET C 1 15.49 -15.49 -18.29
CA MET C 1 14.64 -16.00 -19.40
C MET C 1 13.60 -16.98 -18.84
N LYS C 2 12.68 -17.41 -19.69
CA LYS C 2 11.57 -18.22 -19.24
C LYS C 2 12.07 -19.52 -18.57
N ASN C 3 11.44 -19.85 -17.44
CA ASN C 3 11.72 -21.03 -16.60
C ASN C 3 12.96 -20.88 -15.71
N ASP C 4 13.64 -19.72 -15.77
CA ASP C 4 14.72 -19.44 -14.82
C ASP C 4 14.14 -19.30 -13.43
N LEU C 5 14.85 -19.82 -12.45
CA LEU C 5 14.54 -19.54 -11.05
C LEU C 5 15.02 -18.14 -10.71
N ILE C 6 14.18 -17.32 -10.06
CA ILE C 6 14.63 -16.04 -9.54
C ILE C 6 15.16 -16.27 -8.12
N ARG C 7 16.44 -16.03 -7.91
CA ARG C 7 17.03 -16.33 -6.63
C ARG C 7 16.54 -15.35 -5.55
N PRO C 8 16.01 -15.86 -4.43
CA PRO C 8 15.60 -15.02 -3.30
C PRO C 8 16.80 -14.73 -2.41
N ASN C 9 16.80 -13.58 -1.74
CA ASN C 9 17.93 -13.14 -0.92
C ASN C 9 17.48 -12.66 0.44
N VAL C 10 18.15 -13.16 1.48
CA VAL C 10 17.92 -12.65 2.82
C VAL C 10 18.72 -11.35 2.96
N LEU C 11 18.13 -10.34 3.59
CA LEU C 11 18.78 -9.04 3.76
C LEU C 11 19.26 -8.76 5.19
N SER C 12 18.51 -9.22 6.16
N SER C 12 18.49 -9.19 6.18
CA SER C 12 18.86 -8.96 7.55
CA SER C 12 18.88 -8.97 7.57
C SER C 12 18.26 -10.03 8.45
C SER C 12 18.20 -9.99 8.48
N VAL C 13 18.97 -10.30 9.55
N VAL C 13 18.92 -10.37 9.53
CA VAL C 13 18.55 -11.25 10.54
CA VAL C 13 18.39 -11.30 10.52
C VAL C 13 19.03 -10.78 11.90
C VAL C 13 19.02 -11.01 11.89
N LYS C 14 18.17 -10.82 12.89
CA LYS C 14 18.56 -10.43 14.26
C LYS C 14 17.76 -11.17 15.31
N ILE C 15 18.30 -11.24 16.52
CA ILE C 15 17.59 -11.82 17.65
C ILE C 15 17.38 -10.75 18.73
N ILE C 16 16.18 -10.77 19.30
CA ILE C 16 15.86 -10.03 20.53
C ILE C 16 15.71 -11.04 21.67
N SER C 17 16.59 -10.99 22.66
CA SER C 17 16.43 -11.89 23.80
C SER C 17 15.65 -11.12 24.86
N ASN C 18 14.84 -11.84 25.62
CA ASN C 18 14.12 -11.27 26.75
C ASN C 18 13.34 -10.04 26.27
N VAL C 19 12.40 -10.29 25.38
CA VAL C 19 11.64 -9.22 24.76
C VAL C 19 10.96 -8.39 25.85
N SER C 20 10.98 -7.07 25.67
N SER C 20 10.96 -7.07 25.64
CA SER C 20 10.37 -6.19 26.64
CA SER C 20 10.33 -6.15 26.57
C SER C 20 8.86 -6.44 26.70
C SER C 20 8.83 -6.42 26.67
N PRO C 21 8.27 -6.31 27.89
CA PRO C 21 6.82 -6.49 28.03
C PRO C 21 6.00 -5.52 27.17
N GLU C 22 6.53 -4.32 26.97
N GLU C 22 6.49 -4.30 27.00
CA GLU C 22 5.91 -3.33 26.10
CA GLU C 22 5.79 -3.29 26.24
C GLU C 22 5.74 -3.89 24.67
C GLU C 22 5.67 -3.70 24.77
N MET C 23 6.82 -4.39 24.11
N MET C 23 6.73 -4.32 24.24
CA MET C 23 6.78 -4.94 22.76
CA MET C 23 6.68 -4.83 22.89
C MET C 23 6.00 -6.24 22.70
C MET C 23 5.88 -6.13 22.79
N ALA C 24 6.03 -7.01 23.78
CA ALA C 24 5.29 -8.26 23.82
C ALA C 24 3.81 -7.98 23.68
N LYS C 25 3.33 -6.93 24.36
CA LYS C 25 1.93 -6.57 24.31
C LYS C 25 1.49 -6.08 22.94
N LYS C 26 2.32 -5.26 22.28
CA LYS C 26 1.94 -4.72 20.98
C LYS C 26 1.97 -5.80 19.90
N LEU C 27 2.79 -6.82 20.10
CA LEU C 27 2.86 -7.94 19.16
C LEU C 27 1.90 -9.08 19.54
N GLU C 28 1.17 -8.91 20.64
CA GLU C 28 0.19 -9.88 21.10
C GLU C 28 0.81 -11.27 21.30
N LEU C 29 1.99 -11.29 21.90
CA LEU C 29 2.71 -12.53 22.16
C LEU C 29 2.07 -13.34 23.28
N GLU C 30 2.31 -14.65 23.24
CA GLU C 30 1.93 -15.54 24.34
C GLU C 30 2.93 -15.42 25.50
N PRO C 31 2.51 -15.80 26.71
CA PRO C 31 3.37 -15.69 27.88
C PRO C 31 4.70 -16.42 27.73
N HIS C 32 4.72 -17.52 27.00
CA HIS C 32 5.96 -18.31 26.90
C HIS C 32 6.90 -17.79 25.80
N HIS C 33 6.45 -16.79 25.04
CA HIS C 33 7.28 -16.14 24.02
C HIS C 33 8.23 -15.12 24.67
N LYS C 34 9.47 -15.55 24.90
CA LYS C 34 10.44 -14.72 25.61
C LYS C 34 11.49 -14.09 24.70
N SER C 35 11.65 -14.67 23.51
N SER C 35 11.69 -14.70 23.53
CA SER C 35 12.69 -14.28 22.58
CA SER C 35 12.72 -14.29 22.58
C SER C 35 12.14 -14.20 21.19
C SER C 35 12.12 -14.18 21.19
N LEU C 36 12.64 -13.25 20.39
CA LEU C 36 12.20 -13.07 19.00
C LEU C 36 13.34 -13.22 18.01
N GLY C 37 13.05 -13.80 16.86
CA GLY C 37 13.97 -13.82 15.74
C GLY C 37 13.34 -13.02 14.62
N LEU C 38 14.09 -12.06 14.08
N LEU C 38 14.09 -12.08 14.07
CA LEU C 38 13.64 -11.11 13.07
CA LEU C 38 13.58 -11.21 13.03
C LEU C 38 14.34 -11.41 11.74
C LEU C 38 14.31 -11.47 11.75
N ILE C 39 13.59 -11.38 10.63
CA ILE C 39 14.20 -11.58 9.33
C ILE C 39 13.51 -10.73 8.27
N THR C 40 14.33 -10.18 7.36
CA THR C 40 13.82 -9.56 6.14
C THR C 40 14.52 -10.14 4.93
N ALA C 41 13.83 -10.08 3.81
CA ALA C 41 14.31 -10.68 2.57
C ALA C 41 13.67 -9.98 1.37
N ASP C 42 14.15 -10.26 0.17
CA ASP C 42 13.60 -9.60 -1.02
C ASP C 42 12.49 -10.42 -1.72
N CYS C 43 12.01 -11.47 -1.06
CA CYS C 43 10.95 -12.31 -1.64
C CYS C 43 10.01 -12.79 -0.54
N ASP C 44 8.79 -12.26 -0.51
CA ASP C 44 7.92 -12.54 0.62
C ASP C 44 7.41 -14.00 0.67
N ASP C 45 6.88 -14.54 -0.42
CA ASP C 45 6.25 -15.87 -0.30
C ASP C 45 7.28 -16.98 -0.07
N VAL C 46 8.50 -16.83 -0.61
CA VAL C 46 9.58 -17.77 -0.24
C VAL C 46 9.86 -17.66 1.26
N THR C 47 9.88 -16.44 1.77
CA THR C 47 10.15 -16.27 3.20
C THR C 47 9.04 -16.85 4.05
N TYR C 48 7.78 -16.67 3.65
CA TYR C 48 6.68 -17.25 4.42
C TYR C 48 6.77 -18.79 4.44
N THR C 49 7.18 -19.37 3.32
CA THR C 49 7.34 -20.82 3.24
C THR C 49 8.49 -21.25 4.15
N ALA C 50 9.56 -20.45 4.15
CA ALA C 50 10.73 -20.74 5.00
C ALA C 50 10.42 -20.64 6.49
N LEU C 51 9.63 -19.66 6.87
CA LEU C 51 9.21 -19.50 8.26
C LEU C 51 8.36 -20.68 8.71
N ASP C 52 7.50 -21.17 7.82
CA ASP C 52 6.76 -22.40 8.12
C ASP C 52 7.69 -23.58 8.33
N GLU C 53 8.72 -23.68 7.49
CA GLU C 53 9.71 -24.72 7.66
C GLU C 53 10.39 -24.59 9.03
N ALA C 54 10.66 -23.35 9.47
CA ALA C 54 11.29 -23.13 10.78
C ALA C 54 10.43 -23.69 11.92
N THR C 55 9.09 -23.62 11.81
CA THR C 55 8.23 -24.14 12.87
C THR C 55 8.28 -25.68 12.96
N LYS C 56 8.85 -26.35 11.95
CA LYS C 56 9.02 -27.81 11.99
C LYS C 56 10.39 -28.17 12.61
N ALA C 57 11.30 -27.21 12.60
CA ALA C 57 12.70 -27.45 12.96
C ALA C 57 13.06 -27.09 14.39
N ALA C 58 12.27 -26.23 15.01
CA ALA C 58 12.59 -25.69 16.33
C ALA C 58 11.32 -25.30 17.07
N GLU C 59 11.48 -24.98 18.36
CA GLU C 59 10.35 -24.60 19.19
C GLU C 59 10.06 -23.12 18.99
N VAL C 60 9.50 -22.79 17.84
CA VAL C 60 9.19 -21.42 17.46
C VAL C 60 7.81 -21.34 16.81
N ASP C 61 7.19 -20.18 16.99
CA ASP C 61 5.92 -19.84 16.34
C ASP C 61 6.13 -18.64 15.43
N VAL C 62 5.44 -18.57 14.29
CA VAL C 62 5.45 -17.32 13.52
C VAL C 62 4.45 -16.38 14.12
N VAL C 63 4.92 -15.24 14.65
CA VAL C 63 4.02 -14.33 15.35
C VAL C 63 3.79 -13.04 14.57
N TYR C 64 4.57 -12.86 13.52
CA TYR C 64 4.43 -11.67 12.68
C TYR C 64 4.96 -11.97 11.29
N ALA C 65 4.20 -11.57 10.25
CA ALA C 65 4.59 -11.88 8.88
C ALA C 65 3.86 -10.94 7.94
N ARG C 66 4.58 -9.94 7.43
CA ARG C 66 3.95 -8.93 6.56
C ARG C 66 4.83 -8.56 5.38
N SER C 67 4.17 -8.26 4.26
CA SER C 67 4.81 -7.83 3.03
C SER C 67 4.85 -6.31 2.90
N MET C 68 5.82 -5.81 2.13
CA MET C 68 6.01 -4.36 1.94
C MET C 68 5.26 -3.83 0.71
N TYR C 69 4.74 -2.61 0.82
CA TYR C 69 3.99 -2.03 -0.31
C TYR C 69 4.87 -1.84 -1.54
N ALA C 70 4.41 -2.42 -2.65
CA ALA C 70 4.97 -2.29 -4.00
C ALA C 70 6.24 -3.11 -4.21
N GLY C 71 6.59 -3.96 -3.25
CA GLY C 71 7.61 -4.97 -3.45
C GLY C 71 9.07 -4.54 -3.39
N ALA C 72 9.98 -5.52 -3.48
CA ALA C 72 11.38 -5.26 -3.16
C ALA C 72 12.05 -4.29 -4.11
N GLY C 73 11.65 -4.30 -5.37
CA GLY C 73 12.27 -3.43 -6.36
C GLY C 73 11.95 -1.96 -6.12
N ASN C 74 10.95 -1.71 -5.30
CA ASN C 74 10.58 -0.36 -4.89
C ASN C 74 10.97 -0.04 -3.45
N ALA C 75 11.76 -0.90 -2.81
CA ALA C 75 12.22 -0.58 -1.47
C ALA C 75 13.04 0.70 -1.51
N SER C 76 12.87 1.54 -0.48
CA SER C 76 13.61 2.80 -0.41
C SER C 76 14.80 2.73 0.53
N THR C 77 14.95 1.61 1.23
CA THR C 77 16.09 1.40 2.11
C THR C 77 16.65 -0.01 1.87
N LYS C 78 17.88 -0.20 2.34
CA LYS C 78 18.65 -1.39 2.02
C LYS C 78 18.12 -2.70 2.57
N LEU C 79 17.56 -2.68 3.77
CA LEU C 79 17.18 -3.93 4.45
C LEU C 79 15.68 -4.17 4.51
N ALA C 80 14.88 -3.24 3.95
CA ALA C 80 13.44 -3.43 4.01
C ALA C 80 12.94 -4.59 3.13
N GLY C 81 13.56 -4.78 1.97
CA GLY C 81 13.14 -5.84 1.05
C GLY C 81 11.65 -5.74 0.77
N GLU C 82 10.97 -6.88 0.78
CA GLU C 82 9.53 -6.88 0.72
C GLU C 82 8.85 -7.77 1.74
N VAL C 83 9.55 -8.13 2.81
CA VAL C 83 8.92 -8.92 3.85
C VAL C 83 9.66 -8.76 5.18
N ILE C 84 8.88 -8.76 6.27
CA ILE C 84 9.43 -8.91 7.61
C ILE C 84 8.73 -10.10 8.26
N GLY C 85 9.55 -10.99 8.83
CA GLY C 85 9.04 -12.14 9.55
C GLY C 85 9.56 -12.12 10.98
N ILE C 86 8.71 -12.52 11.94
CA ILE C 86 9.13 -12.63 13.32
C ILE C 86 8.76 -13.99 13.88
N LEU C 87 9.79 -14.70 14.33
CA LEU C 87 9.66 -15.94 15.07
C LEU C 87 9.69 -15.66 16.55
N ALA C 88 8.92 -16.40 17.33
CA ALA C 88 8.99 -16.28 18.79
C ALA C 88 9.17 -17.67 19.40
N GLY C 89 9.96 -17.71 20.47
CA GLY C 89 10.21 -18.96 21.16
C GLY C 89 10.60 -18.70 22.60
N PRO C 90 10.79 -19.76 23.37
CA PRO C 90 11.03 -19.68 24.81
C PRO C 90 12.44 -19.24 25.18
N SER C 91 13.37 -19.32 24.23
CA SER C 91 14.76 -18.98 24.52
C SER C 91 15.44 -18.48 23.28
N PRO C 92 16.54 -17.74 23.45
CA PRO C 92 17.33 -17.37 22.28
C PRO C 92 17.83 -18.59 21.51
N ALA C 93 18.17 -19.70 22.19
CA ALA C 93 18.65 -20.88 21.48
C ALA C 93 17.60 -21.42 20.50
N GLU C 94 16.34 -21.46 20.91
CA GLU C 94 15.31 -21.96 20.01
C GLU C 94 15.07 -21.02 18.84
N VAL C 95 15.04 -19.71 19.06
N VAL C 95 15.02 -19.72 19.11
CA VAL C 95 14.85 -18.80 17.92
CA VAL C 95 14.91 -18.73 18.06
C VAL C 95 16.10 -18.74 17.03
C VAL C 95 16.06 -18.89 17.06
N ARG C 96 17.28 -19.00 17.58
CA ARG C 96 18.46 -19.16 16.74
C ARG C 96 18.33 -20.40 15.85
N SER C 97 17.83 -21.51 16.40
CA SER C 97 17.64 -22.73 15.62
C SER C 97 16.60 -22.49 14.53
N GLY C 98 15.54 -21.79 14.90
CA GLY C 98 14.49 -21.45 13.94
C GLY C 98 14.99 -20.57 12.79
N LEU C 99 15.81 -19.56 13.10
CA LEU C 99 16.31 -18.66 12.07
C LEU C 99 17.29 -19.41 11.15
N ASN C 100 18.12 -20.28 11.70
CA ASN C 100 19.03 -21.03 10.85
C ASN C 100 18.24 -21.90 9.86
N ALA C 101 17.14 -22.51 10.31
CA ALA C 101 16.33 -23.33 9.40
C ALA C 101 15.67 -22.48 8.33
N THR C 102 15.28 -21.27 8.69
CA THR C 102 14.65 -20.31 7.78
C THR C 102 15.64 -19.93 6.68
N LEU C 103 16.84 -19.54 7.10
CA LEU C 103 17.87 -19.13 6.16
C LEU C 103 18.21 -20.26 5.22
N ASP C 104 18.38 -21.46 5.77
CA ASP C 104 18.75 -22.57 4.93
C ASP C 104 17.67 -22.87 3.90
N PHE C 105 16.40 -22.72 4.27
CA PHE C 105 15.32 -22.97 3.33
C PHE C 105 15.32 -21.93 2.22
N ILE C 106 15.54 -20.67 2.56
CA ILE C 106 15.48 -19.61 1.57
C ILE C 106 16.56 -19.85 0.52
N ASP C 107 17.69 -20.39 0.95
CA ASP C 107 18.78 -20.64 0.00
C ASP C 107 18.79 -22.08 -0.54
N SER C 108 17.65 -22.78 -0.48
CA SER C 108 17.63 -24.21 -0.81
C SER C 108 17.38 -24.52 -2.30
N GLY C 109 17.03 -23.50 -3.08
CA GLY C 109 16.72 -23.65 -4.49
C GLY C 109 15.28 -23.30 -4.83
N VAL C 110 14.48 -23.02 -3.82
N VAL C 110 14.51 -22.96 -3.80
CA VAL C 110 13.11 -22.59 -4.07
CA VAL C 110 13.13 -22.53 -3.95
C VAL C 110 13.14 -21.17 -4.62
C VAL C 110 13.06 -21.08 -4.45
N GLY C 111 12.05 -20.74 -5.21
CA GLY C 111 11.95 -19.38 -5.70
C GLY C 111 10.85 -19.21 -6.70
N PHE C 112 10.54 -17.96 -7.02
CA PHE C 112 9.66 -17.65 -8.13
C PHE C 112 10.34 -18.06 -9.42
N VAL C 113 9.53 -18.37 -10.42
CA VAL C 113 10.00 -18.78 -11.72
C VAL C 113 9.59 -17.76 -12.77
N SER C 114 10.52 -17.46 -13.67
CA SER C 114 10.23 -16.50 -14.74
C SER C 114 9.32 -17.10 -15.81
N ALA C 115 8.39 -16.28 -16.30
CA ALA C 115 7.47 -16.68 -17.37
C ALA C 115 7.83 -16.07 -18.74
N ASN C 116 8.89 -15.26 -18.80
CA ASN C 116 9.23 -14.65 -20.09
C ASN C 116 10.69 -14.21 -20.20
N GLU C 117 11.03 -13.60 -21.34
CA GLU C 117 12.44 -13.45 -21.71
C GLU C 117 13.18 -12.52 -20.76
N ASP C 118 12.52 -11.46 -20.30
CA ASP C 118 13.20 -10.50 -19.42
C ASP C 118 12.79 -10.63 -17.95
N ASP C 119 12.15 -11.76 -17.60
CA ASP C 119 11.77 -12.03 -16.22
C ASP C 119 10.85 -10.93 -15.65
N SER C 120 10.03 -10.33 -16.52
CA SER C 120 9.12 -9.28 -16.07
C SER C 120 7.75 -9.85 -15.69
N ILE C 121 7.56 -11.15 -15.88
CA ILE C 121 6.42 -11.85 -15.28
C ILE C 121 6.99 -13.06 -14.58
N CYS C 122 6.56 -13.30 -13.34
N CYS C 122 6.60 -13.28 -13.33
CA CYS C 122 7.04 -14.44 -12.58
CA CYS C 122 7.06 -14.45 -12.61
C CYS C 122 5.95 -14.97 -11.67
C CYS C 122 5.89 -15.06 -11.84
N TYR C 123 6.12 -16.21 -11.22
CA TYR C 123 5.11 -16.85 -10.41
C TYR C 123 5.74 -17.85 -9.46
N TYR C 124 4.96 -18.21 -8.45
CA TYR C 124 5.34 -19.21 -7.44
C TYR C 124 4.32 -20.31 -7.52
N ALA C 125 4.79 -21.55 -7.60
CA ALA C 125 3.89 -22.71 -7.65
C ALA C 125 4.57 -23.80 -6.84
N GLN C 126 4.46 -23.66 -5.53
CA GLN C 126 5.26 -24.45 -4.59
C GLN C 126 4.36 -25.47 -3.93
N CYS C 127 4.75 -26.73 -4.03
CA CYS C 127 4.05 -27.77 -3.35
C CYS C 127 4.70 -27.90 -1.97
N VAL C 128 3.95 -27.53 -0.93
CA VAL C 128 4.40 -27.69 0.45
C VAL C 128 3.90 -29.06 0.86
N SER C 129 4.78 -30.05 0.86
CA SER C 129 4.31 -31.41 1.00
C SER C 129 3.94 -31.73 2.45
N ARG C 130 4.50 -30.97 3.40
CA ARG C 130 4.23 -31.18 4.81
C ARG C 130 4.21 -29.86 5.59
N THR C 131 3.02 -29.29 5.78
CA THR C 131 2.94 -27.97 6.42
C THR C 131 3.41 -28.02 7.89
N GLY C 132 4.01 -26.92 8.34
CA GLY C 132 4.28 -26.69 9.74
C GLY C 132 3.10 -25.97 10.36
N SER C 133 3.35 -25.31 11.50
CA SER C 133 2.27 -24.74 12.28
C SER C 133 1.77 -23.44 11.67
N TYR C 134 2.62 -22.76 10.91
CA TYR C 134 2.28 -21.45 10.39
C TYR C 134 1.32 -21.52 9.21
N LEU C 135 1.72 -22.21 8.16
CA LEU C 135 0.89 -22.29 6.96
C LEU C 135 -0.34 -23.16 7.18
N SER C 136 -0.26 -24.16 8.06
CA SER C 136 -1.47 -24.96 8.36
C SER C 136 -2.50 -24.07 9.06
N LYS C 137 -2.08 -23.23 9.99
CA LYS C 137 -3.03 -22.31 10.64
C LYS C 137 -3.57 -21.29 9.66
N THR C 138 -2.70 -20.77 8.78
CA THR C 138 -3.12 -19.79 7.78
C THR C 138 -4.18 -20.41 6.86
N ALA C 139 -3.99 -21.67 6.52
CA ALA C 139 -4.91 -22.36 5.61
C ALA C 139 -6.13 -22.99 6.31
N GLY C 140 -6.08 -23.12 7.63
CA GLY C 140 -7.13 -23.81 8.35
C GLY C 140 -7.15 -25.32 8.17
N ILE C 141 -5.98 -25.94 7.99
CA ILE C 141 -5.89 -27.39 7.82
C ILE C 141 -5.05 -27.94 8.93
N ARG C 142 -4.99 -29.27 9.00
CA ARG C 142 -4.21 -29.92 10.03
C ARG C 142 -2.71 -29.87 9.70
N GLU C 143 -1.91 -29.71 10.75
CA GLU C 143 -0.48 -29.67 10.62
C GLU C 143 0.02 -30.93 9.91
N GLY C 144 0.90 -30.74 8.93
CA GLY C 144 1.47 -31.85 8.21
C GLY C 144 0.73 -32.14 6.91
N GLU C 145 -0.43 -31.53 6.72
CA GLU C 145 -1.15 -31.66 5.45
C GLU C 145 -0.43 -30.90 4.36
N ALA C 146 -0.70 -31.25 3.10
CA ALA C 146 -0.03 -30.61 1.97
C ALA C 146 -0.78 -29.37 1.50
N LEU C 147 -0.03 -28.44 0.89
CA LEU C 147 -0.61 -27.27 0.22
C LEU C 147 0.00 -27.05 -1.15
N ALA C 148 -0.80 -26.48 -2.06
CA ALA C 148 -0.28 -25.77 -3.20
C ALA C 148 -0.25 -24.27 -2.86
N TYR C 149 0.93 -23.68 -2.90
CA TYR C 149 1.12 -22.25 -2.59
C TYR C 149 1.33 -21.55 -3.93
N LEU C 150 0.28 -20.87 -4.39
CA LEU C 150 0.20 -20.35 -5.76
C LEU C 150 0.18 -18.82 -5.75
N VAL C 151 1.16 -18.20 -6.40
CA VAL C 151 1.24 -16.73 -6.45
C VAL C 151 1.62 -16.26 -7.84
N ALA C 152 0.92 -15.25 -8.34
CA ALA C 152 1.28 -14.62 -9.60
C ALA C 152 0.74 -13.19 -9.63
N PRO C 153 1.09 -12.43 -10.67
CA PRO C 153 0.50 -11.08 -10.71
C PRO C 153 -1.02 -11.17 -10.89
N PRO C 154 -1.76 -10.07 -10.64
CA PRO C 154 -3.21 -10.15 -10.44
C PRO C 154 -4.03 -10.91 -11.52
N LEU C 155 -3.97 -10.55 -12.79
CA LEU C 155 -4.83 -11.21 -13.77
C LEU C 155 -4.36 -12.66 -14.01
N GLU C 156 -3.05 -12.85 -14.14
CA GLU C 156 -2.49 -14.18 -14.31
C GLU C 156 -2.97 -15.08 -13.17
N ALA C 157 -2.90 -14.56 -11.94
CA ALA C 157 -3.27 -15.34 -10.77
C ALA C 157 -4.73 -15.79 -10.82
N MET C 158 -5.64 -14.88 -11.20
CA MET C 158 -7.06 -15.24 -11.26
C MET C 158 -7.35 -16.30 -12.32
N TYR C 159 -6.78 -16.10 -13.51
CA TYR C 159 -6.93 -17.04 -14.60
C TYR C 159 -6.35 -18.40 -14.23
N ALA C 160 -5.15 -18.38 -13.66
CA ALA C 160 -4.42 -19.60 -13.39
C ALA C 160 -4.98 -20.36 -12.18
N LEU C 161 -5.51 -19.62 -11.20
N LEU C 161 -5.54 -19.62 -11.22
CA LEU C 161 -6.20 -20.25 -10.08
CA LEU C 161 -6.20 -20.22 -10.08
C LEU C 161 -7.41 -21.06 -10.55
C LEU C 161 -7.43 -21.02 -10.51
N ASP C 162 -8.19 -20.49 -11.46
CA ASP C 162 -9.31 -21.21 -12.02
C ASP C 162 -8.84 -22.50 -12.70
N ALA C 163 -7.77 -22.39 -13.47
CA ALA C 163 -7.19 -23.55 -14.12
C ALA C 163 -6.74 -24.61 -13.12
N ALA C 164 -6.12 -24.16 -12.03
CA ALA C 164 -5.57 -25.06 -11.03
C ALA C 164 -6.70 -25.80 -10.31
N LEU C 165 -7.78 -25.07 -9.98
CA LEU C 165 -8.92 -25.66 -9.29
C LEU C 165 -9.63 -26.70 -10.15
N LYS C 166 -9.71 -26.44 -11.46
CA LYS C 166 -10.34 -27.38 -12.36
C LYS C 166 -9.50 -28.63 -12.60
N ALA C 167 -8.19 -28.49 -12.48
CA ALA C 167 -7.25 -29.56 -12.88
C ALA C 167 -7.04 -30.62 -11.82
N ALA C 168 -7.35 -30.29 -10.58
CA ALA C 168 -6.87 -31.10 -9.47
C ALA C 168 -7.95 -31.20 -8.40
N ASP C 169 -7.93 -32.31 -7.68
CA ASP C 169 -8.86 -32.52 -6.57
C ASP C 169 -8.37 -31.77 -5.34
N VAL C 170 -8.49 -30.45 -5.41
CA VAL C 170 -8.05 -29.55 -4.34
C VAL C 170 -9.15 -28.61 -3.84
N GLU C 171 -8.98 -28.14 -2.61
CA GLU C 171 -9.91 -27.24 -1.95
C GLU C 171 -9.26 -25.89 -1.71
N MET C 172 -10.05 -24.85 -1.85
CA MET C 172 -9.63 -23.50 -1.55
C MET C 172 -9.51 -23.33 -0.03
N CYS C 173 -8.34 -22.87 0.45
CA CYS C 173 -8.15 -22.59 1.87
C CYS C 173 -8.05 -21.10 2.18
N GLU C 174 -7.24 -20.39 1.42
CA GLU C 174 -7.02 -18.98 1.61
C GLU C 174 -6.80 -18.31 0.26
N PHE C 175 -7.51 -17.20 0.05
CA PHE C 175 -7.45 -16.46 -1.21
C PHE C 175 -6.67 -15.18 -0.96
N PHE C 176 -5.62 -14.92 -1.73
CA PHE C 176 -4.87 -13.69 -1.63
C PHE C 176 -5.44 -12.73 -2.68
N ALA C 177 -6.35 -11.86 -2.27
CA ALA C 177 -7.07 -11.06 -3.26
C ALA C 177 -6.20 -9.94 -3.83
N PRO C 178 -6.28 -9.72 -5.16
CA PRO C 178 -5.38 -8.73 -5.78
C PRO C 178 -5.83 -7.30 -5.52
N PRO C 179 -4.92 -6.41 -5.11
CA PRO C 179 -3.50 -6.63 -4.80
C PRO C 179 -3.26 -6.97 -3.36
N THR C 180 -2.30 -7.85 -3.12
CA THR C 180 -1.65 -7.86 -1.80
C THR C 180 -0.66 -6.70 -1.78
N GLU C 181 0.13 -6.54 -0.71
CA GLU C 181 0.97 -5.34 -0.61
C GLU C 181 1.94 -5.22 -1.78
N THR C 182 2.45 -6.36 -2.27
CA THR C 182 3.43 -6.34 -3.35
C THR C 182 2.77 -6.37 -4.75
N ASN C 183 1.45 -6.23 -4.80
CA ASN C 183 0.68 -6.25 -6.05
C ASN C 183 0.71 -7.59 -6.77
N PHE C 184 0.67 -8.65 -5.97
CA PHE C 184 0.47 -10.02 -6.45
C PHE C 184 -0.87 -10.55 -5.93
N ALA C 185 -1.13 -11.83 -6.19
CA ALA C 185 -2.38 -12.47 -5.81
C ALA C 185 -2.17 -13.96 -5.88
N GLY C 186 -3.17 -14.72 -5.46
CA GLY C 186 -3.06 -16.17 -5.57
C GLY C 186 -3.83 -16.86 -4.47
N ALA C 187 -3.37 -18.02 -4.03
CA ALA C 187 -4.12 -18.79 -3.03
C ALA C 187 -3.29 -19.90 -2.45
N LEU C 188 -3.78 -20.40 -1.32
CA LEU C 188 -3.35 -21.68 -0.76
C LEU C 188 -4.46 -22.69 -1.01
N LEU C 189 -4.12 -23.78 -1.68
CA LEU C 189 -5.08 -24.86 -1.93
C LEU C 189 -4.61 -26.10 -1.21
N THR C 190 -5.52 -26.97 -0.79
CA THR C 190 -5.09 -28.21 -0.13
C THR C 190 -5.70 -29.45 -0.77
N GLY C 191 -5.06 -30.58 -0.53
CA GLY C 191 -5.50 -31.87 -1.03
C GLY C 191 -4.38 -32.87 -0.81
N SER C 192 -4.43 -34.01 -1.47
CA SER C 192 -3.33 -34.96 -1.39
C SER C 192 -2.07 -34.33 -1.97
N GLN C 193 -0.90 -34.92 -1.71
CA GLN C 193 0.33 -34.37 -2.26
C GLN C 193 0.32 -34.39 -3.80
N SER C 194 -0.23 -35.46 -4.38
CA SER C 194 -0.29 -35.56 -5.84
C SER C 194 -1.28 -34.54 -6.41
N ALA C 195 -2.39 -34.29 -5.70
CA ALA C 195 -3.35 -33.27 -6.16
C ALA C 195 -2.77 -31.87 -6.05
N CYS C 196 -2.01 -31.59 -5.00
CA CYS C 196 -1.38 -30.28 -4.87
C CYS C 196 -0.32 -30.10 -5.97
N LYS C 197 0.41 -31.16 -6.30
CA LYS C 197 1.38 -31.06 -7.38
C LYS C 197 0.70 -30.81 -8.74
N ALA C 198 -0.43 -31.46 -8.96
CA ALA C 198 -1.19 -31.27 -10.20
C ALA C 198 -1.70 -29.81 -10.26
N ALA C 199 -2.07 -29.25 -9.12
CA ALA C 199 -2.57 -27.88 -9.09
C ALA C 199 -1.42 -26.92 -9.40
N CYS C 200 -0.24 -27.21 -8.84
CA CYS C 200 0.94 -26.37 -9.11
C CYS C 200 1.29 -26.40 -10.60
N ASP C 201 1.27 -27.59 -11.20
CA ASP C 201 1.66 -27.72 -12.61
C ASP C 201 0.68 -26.94 -13.49
N ALA C 202 -0.60 -27.07 -13.19
CA ALA C 202 -1.65 -26.39 -13.96
C ALA C 202 -1.58 -24.88 -13.80
N PHE C 203 -1.30 -24.42 -12.57
CA PHE C 203 -1.15 -22.99 -12.27
C PHE C 203 0.01 -22.44 -13.09
N ALA C 204 1.16 -23.12 -13.02
CA ALA C 204 2.33 -22.65 -13.76
C ALA C 204 2.05 -22.56 -15.27
N GLU C 205 1.41 -23.58 -15.81
CA GLU C 205 1.11 -23.63 -17.25
C GLU C 205 0.20 -22.48 -17.63
N ALA C 206 -0.79 -22.20 -16.78
CA ALA C 206 -1.74 -21.13 -17.08
C ALA C 206 -1.09 -19.73 -17.00
N VAL C 207 -0.21 -19.51 -16.03
CA VAL C 207 0.50 -18.24 -15.95
C VAL C 207 1.36 -18.06 -17.20
N GLN C 208 2.04 -19.13 -17.62
CA GLN C 208 2.91 -19.01 -18.79
C GLN C 208 2.08 -18.71 -20.02
N SER C 209 0.87 -19.28 -20.05
N SER C 209 0.87 -19.26 -20.05
CA SER C 209 -0.01 -19.07 -21.19
CA SER C 209 -0.01 -19.08 -21.21
C SER C 209 -0.40 -17.60 -21.31
C SER C 209 -0.46 -17.62 -21.32
N VAL C 210 -0.70 -16.96 -20.19
CA VAL C 210 -1.10 -15.54 -20.22
C VAL C 210 0.09 -14.70 -20.61
N ALA C 211 1.25 -15.01 -20.02
CA ALA C 211 2.45 -14.25 -20.32
C ALA C 211 2.76 -14.31 -21.80
N SER C 212 2.57 -15.46 -22.43
CA SER C 212 2.90 -15.64 -23.84
C SER C 212 1.93 -14.92 -24.77
N ASN C 213 0.72 -14.68 -24.29
CA ASN C 213 -0.35 -14.16 -25.15
C ASN C 213 -1.37 -13.37 -24.33
N PRO C 214 -0.98 -12.21 -23.81
CA PRO C 214 -1.85 -11.47 -22.90
C PRO C 214 -3.02 -10.76 -23.57
N LEU C 215 -2.93 -10.52 -24.88
CA LEU C 215 -3.95 -9.71 -25.58
C LEU C 215 -4.51 -10.41 -26.83
N GLY C 216 -4.49 -11.75 -26.83
CA GLY C 216 -5.09 -12.52 -27.90
C GLY C 216 -6.54 -12.15 -28.16
N PHE C 217 -7.20 -11.72 -27.09
CA PHE C 217 -8.60 -11.27 -27.18
C PHE C 217 -8.78 -10.23 -28.28
N LEU C 218 -7.80 -9.35 -28.45
CA LEU C 218 -8.01 -8.23 -29.40
C LEU C 218 -8.27 -8.73 -30.81
N GLU C 219 -7.43 -9.62 -31.31
CA GLU C 219 -7.63 -10.14 -32.64
C GLU C 219 -8.84 -11.07 -32.72
N HIS C 220 -9.06 -11.91 -31.71
CA HIS C 220 -10.14 -12.91 -31.79
C HIS C 220 -11.53 -12.35 -31.59
N HIS C 221 -11.65 -11.31 -30.77
CA HIS C 221 -12.98 -10.84 -30.36
C HIS C 221 -13.23 -9.33 -30.50
N HIS C 222 -12.17 -8.53 -30.68
CA HIS C 222 -12.30 -7.06 -30.75
C HIS C 222 -12.04 -6.54 -32.15
N HIS C 223 -12.06 -7.41 -33.14
CA HIS C 223 -11.92 -7.02 -34.54
C HIS C 223 -13.11 -6.15 -34.98
N HIS C 224 -12.87 -5.28 -35.97
CA HIS C 224 -13.88 -4.37 -36.53
C HIS C 224 -14.42 -3.35 -35.50
N HIS C 225 -13.61 -3.05 -34.49
CA HIS C 225 -13.93 -1.98 -33.54
C HIS C 225 -13.10 -0.73 -33.84
#